data_6ZJS
#
_entry.id   6ZJS
#
_cell.length_a   138.378
_cell.length_b   138.378
_cell.length_c   127.807
_cell.angle_alpha   90.000
_cell.angle_beta   90.000
_cell.angle_gamma   120.000
#
_symmetry.space_group_name_H-M   'P 31 2 1'
#
loop_
_entity.id
_entity.type
_entity.pdbx_description
1 polymer Beta-galactosidase
2 non-polymer beta-D-galactopyranose
3 non-polymer 'SODIUM ION'
4 non-polymer 'ACETATE ION'
5 non-polymer 'MALONATE ION'
6 non-polymer 'FORMIC ACID'
7 non-polymer '(2S)-2-hydroxybutanedioic acid'
8 water water
#
_entity_poly.entity_id   1
_entity_poly.type   'polypeptide(L)'
_entity_poly.pdbx_seq_one_letter_code
;MSVETPSALADSSPHTAPGSAGRSLELGAADIQDLESFEAGRGALPARAYLQSDAPRLSLNGEWQFRLSPGSRVAPDDGW
QLGEALNGFESLPVPSSWPMHGHGAPAYTNVQFPFAVEPPHVPEANPIGDHLVVFEAGPEFFPHALLRFDGIESAGTVWL
NGVELGTTRGSRLAHEFDVSGILEQGENTLAVRVAQFSAASYVEDQDMWWLPGIFRDVTLQARPAAGIDDVFVHAGYDHI
TGEGILKVEASRGGQAIDAVVRVPELALELAAGTEVRVPAVEPWSAEVPKLYEAAVSAAGESVALQIGFRSIAIEDAQFK
VNGRRILLRGVNRHEHHPRLGRVVPRDVVEAELRLMKQHNINAIRTSHYPPHPQFLALADQLGFYVVLECDLETHGFESA
GWAQNPSDDPQWEDALVDRMRRTVERDKNHASVVMWSLGNQAGTGRNLAAMSRWTKDRDPSRPIHYEGDWSSEHVDVYSR
MYASQAETALIGQGIEPALNDAALDARRRAMPFVLCEYVHAMGNGPGGMSEYQALFEKYPRLMGGFVWEWLEHGITVSTA
DGVDHYGYGGDFGEEVHDGNFVTDGLVDADRRPRPGLLDFKKVIEPLRIDVARDWTGFTLRNGQDFADTSAFSFRYEVEA
DGGALDGGTVDVAPVAPQSETVVELPGSVAALAAGLSDGRPAVLTVRAVLGADSAWADAGHEVAWGQSVREPGAPVPPAP
VEPVQVQDSELTLGPVVFSRATGMPTSIGGVPVEKLGLTLWWAPTDNDLGREWGGADERPLATQWKDAGLNRLHTRLLGI
SANPGQDGGETLTVRTRVSAADKQYGVLVDYTWSTDGETVGLRTQVRRDGTWVNRGFEVEWARIGLEFVLGEETELVSWF
GQGPHQSYPDTGQGARAGWFSLPLAKMDVEYVRPQECGARSGSRSAALQLGGRTLEICGDPFALTVRPYSQDVLDAAAHR
PDLKADGRTYLYVDHALRGVGTAACGPGVLEQYRLKPRDADFILTLKVRS
;
_entity_poly.pdbx_strand_id   A
#
# COMPACT_ATOMS: atom_id res chain seq x y z
N SER A 24 38.58 -29.34 -20.86
CA SER A 24 37.59 -28.58 -20.08
C SER A 24 37.20 -29.39 -18.85
N LEU A 25 37.66 -28.98 -17.67
CA LEU A 25 37.69 -29.87 -16.52
C LEU A 25 36.78 -29.45 -15.37
N GLU A 26 36.17 -28.28 -15.43
CA GLU A 26 35.30 -27.85 -14.35
C GLU A 26 34.00 -28.66 -14.34
N LEU A 27 33.39 -28.75 -13.16
CA LEU A 27 32.14 -29.49 -13.04
C LEU A 27 30.95 -28.57 -13.32
N GLY A 28 29.82 -29.18 -13.69
CA GLY A 28 28.57 -28.44 -13.81
C GLY A 28 28.40 -27.61 -15.06
N ALA A 29 29.24 -27.81 -16.08
CA ALA A 29 29.25 -26.89 -17.21
C ALA A 29 27.95 -26.96 -18.00
N ALA A 30 27.40 -28.16 -18.19
CA ALA A 30 26.17 -28.30 -18.95
C ALA A 30 24.99 -27.65 -18.25
N ASP A 31 24.85 -27.87 -16.93
CA ASP A 31 23.78 -27.23 -16.17
C ASP A 31 23.89 -25.70 -16.27
N ILE A 32 25.11 -25.17 -16.20
CA ILE A 32 25.27 -23.72 -16.19
C ILE A 32 25.00 -23.14 -17.57
N GLN A 33 25.40 -23.85 -18.62
CA GLN A 33 25.07 -23.38 -19.97
C GLN A 33 23.56 -23.27 -20.16
N ASP A 34 22.80 -24.24 -19.63
CA ASP A 34 21.35 -24.13 -19.70
C ASP A 34 20.84 -22.95 -18.89
N LEU A 35 21.38 -22.74 -17.68
CA LEU A 35 20.91 -21.61 -16.88
C LEU A 35 21.22 -20.28 -17.52
N GLU A 36 22.28 -20.21 -18.32
CA GLU A 36 22.71 -18.99 -18.97
C GLU A 36 22.04 -18.79 -20.33
N SER A 37 21.08 -19.65 -20.69
CA SER A 37 20.42 -19.57 -21.98
C SER A 37 19.51 -18.35 -22.08
N PHE A 38 19.54 -17.71 -23.24
CA PHE A 38 18.61 -16.60 -23.52
C PHE A 38 17.24 -17.10 -23.94
N GLU A 39 17.07 -18.39 -24.17
CA GLU A 39 15.81 -18.92 -24.68
C GLU A 39 14.77 -19.00 -23.57
N ALA A 40 13.51 -19.01 -23.97
CA ALA A 40 12.40 -19.04 -23.04
C ALA A 40 12.08 -20.46 -22.59
N GLY A 41 13.08 -21.29 -22.50
CA GLY A 41 12.84 -22.63 -22.02
C GLY A 41 12.46 -23.49 -23.19
N ARG A 42 12.17 -24.74 -22.87
CA ARG A 42 11.96 -25.68 -23.96
C ARG A 42 10.95 -26.75 -23.56
N GLY A 43 10.29 -27.29 -24.59
CA GLY A 43 9.47 -28.46 -24.43
C GLY A 43 8.04 -28.22 -24.03
N ALA A 44 7.62 -26.98 -23.78
CA ALA A 44 6.30 -26.73 -23.25
C ALA A 44 5.27 -26.61 -24.36
N LEU A 45 4.04 -26.92 -24.03
CA LEU A 45 2.91 -26.73 -24.94
C LEU A 45 2.67 -25.25 -25.16
N PRO A 46 1.91 -24.90 -26.21
CA PRO A 46 1.65 -23.48 -26.47
C PRO A 46 0.91 -22.83 -25.31
N ALA A 47 1.21 -21.54 -25.11
CA ALA A 47 0.53 -20.74 -24.10
C ALA A 47 -0.97 -20.69 -24.41
N ARG A 48 -1.78 -20.72 -23.37
CA ARG A 48 -3.23 -20.68 -23.50
C ARG A 48 -3.85 -20.05 -22.26
N ALA A 49 -5.17 -19.91 -22.27
CA ALA A 49 -5.88 -19.43 -21.08
C ALA A 49 -5.91 -20.46 -19.98
N TYR A 50 -5.99 -19.95 -18.73
CA TYR A 50 -6.38 -20.77 -17.59
C TYR A 50 -7.89 -20.92 -17.65
N LEU A 51 -8.35 -22.17 -17.79
CA LEU A 51 -9.75 -22.46 -18.05
C LEU A 51 -10.26 -23.54 -17.09
N GLN A 52 -11.42 -23.27 -16.49
CA GLN A 52 -12.14 -24.26 -15.71
C GLN A 52 -12.83 -25.20 -16.67
N SER A 53 -12.51 -26.48 -16.58
CA SER A 53 -13.05 -27.46 -17.51
C SER A 53 -13.51 -28.68 -16.74
N ASP A 54 -14.35 -29.49 -17.38
CA ASP A 54 -14.78 -30.73 -16.78
C ASP A 54 -13.82 -31.88 -17.01
N ALA A 55 -12.67 -31.62 -17.63
CA ALA A 55 -11.70 -32.70 -17.80
C ALA A 55 -11.16 -33.11 -16.42
N PRO A 56 -10.94 -34.41 -16.20
CA PRO A 56 -10.33 -34.85 -14.93
C PRO A 56 -9.06 -34.06 -14.58
N ARG A 57 -9.02 -33.62 -13.37
CA ARG A 57 -7.86 -32.88 -12.77
CA ARG A 57 -7.84 -32.91 -12.76
C ARG A 57 -7.35 -33.49 -11.39
N LEU A 58 -6.04 -33.60 -11.28
CA LEU A 58 -5.45 -34.09 -10.04
C LEU A 58 -4.42 -33.07 -9.59
N SER A 59 -4.62 -32.48 -8.41
CA SER A 59 -3.61 -31.60 -7.84
C SER A 59 -2.49 -32.43 -7.24
N LEU A 60 -1.25 -32.10 -7.57
CA LEU A 60 -0.10 -32.75 -6.98
C LEU A 60 0.49 -31.98 -5.81
N ASN A 61 -0.15 -30.87 -5.41
CA ASN A 61 0.28 -30.15 -4.22
C ASN A 61 0.25 -31.09 -3.01
N GLY A 62 1.16 -30.88 -2.09
CA GLY A 62 1.22 -31.65 -0.88
C GLY A 62 2.64 -31.72 -0.36
N GLU A 63 2.99 -32.86 0.23
CA GLU A 63 4.31 -33.04 0.81
C GLU A 63 5.21 -33.70 -0.22
N TRP A 64 6.23 -32.98 -0.67
CA TRP A 64 7.23 -33.52 -1.58
C TRP A 64 8.53 -33.76 -0.82
N GLN A 65 9.50 -34.34 -1.52
CA GLN A 65 10.85 -34.51 -1.01
C GLN A 65 11.78 -33.50 -1.68
N PHE A 66 12.72 -32.96 -0.91
CA PHE A 66 13.48 -31.77 -1.30
C PHE A 66 14.92 -31.90 -0.82
N ARG A 67 15.87 -31.56 -1.71
CA ARG A 67 17.29 -31.51 -1.39
C ARG A 67 17.88 -30.21 -1.94
N LEU A 68 18.66 -29.50 -1.13
CA LEU A 68 19.22 -28.22 -1.52
C LEU A 68 20.74 -28.34 -1.68
N SER A 69 21.25 -27.87 -2.81
CA SER A 69 22.69 -27.75 -3.01
C SER A 69 23.07 -26.28 -3.20
N PRO A 70 24.32 -25.91 -2.92
CA PRO A 70 24.69 -24.48 -2.95
C PRO A 70 24.96 -23.93 -4.35
N GLY A 71 25.04 -24.79 -5.37
CA GLY A 71 25.30 -24.34 -6.73
C GLY A 71 25.25 -25.52 -7.66
N SER A 72 25.26 -25.22 -8.97
CA SER A 72 25.17 -26.26 -9.99
C SER A 72 26.38 -27.18 -10.00
N ARG A 73 27.56 -26.67 -9.68
CA ARG A 73 28.73 -27.53 -9.82
C ARG A 73 28.78 -28.64 -8.79
N VAL A 74 28.10 -28.47 -7.65
CA VAL A 74 28.04 -29.52 -6.64
C VAL A 74 26.68 -30.19 -6.55
N ALA A 75 25.69 -29.73 -7.32
CA ALA A 75 24.41 -30.38 -7.30
C ALA A 75 24.55 -31.81 -7.84
N PRO A 76 24.13 -32.84 -7.10
CA PRO A 76 24.45 -34.21 -7.52
C PRO A 76 23.72 -34.64 -8.79
N ASP A 77 24.42 -35.45 -9.58
CA ASP A 77 23.84 -36.18 -10.70
C ASP A 77 23.85 -37.66 -10.33
N ASP A 78 22.96 -38.02 -9.40
CA ASP A 78 23.02 -39.31 -8.72
C ASP A 78 21.76 -40.14 -8.98
N GLY A 79 21.07 -39.86 -10.07
CA GLY A 79 19.87 -40.63 -10.38
C GLY A 79 18.71 -40.35 -9.46
N TRP A 80 18.74 -39.23 -8.76
CA TRP A 80 17.67 -38.92 -7.83
C TRP A 80 16.33 -38.79 -8.53
N GLN A 81 16.32 -38.48 -9.83
CA GLN A 81 15.04 -38.29 -10.52
C GLN A 81 14.19 -39.54 -10.52
N LEU A 82 14.78 -40.71 -10.29
CA LEU A 82 14.03 -41.95 -10.23
C LEU A 82 13.57 -42.31 -8.83
N GLY A 83 13.93 -41.53 -7.82
CA GLY A 83 13.67 -41.89 -6.44
C GLY A 83 14.73 -42.76 -5.80
N GLU A 84 15.96 -42.72 -6.31
CA GLU A 84 17.02 -43.59 -5.79
C GLU A 84 17.72 -42.98 -4.59
N ALA A 85 18.09 -41.70 -4.66
CA ALA A 85 18.97 -41.08 -3.66
C ALA A 85 18.14 -40.32 -2.62
N LEU A 86 17.39 -41.10 -1.84
N LEU A 86 17.39 -41.10 -1.84
CA LEU A 86 16.47 -40.57 -0.79
CA LEU A 86 16.47 -40.57 -0.79
C LEU A 86 17.26 -39.80 0.28
C LEU A 86 17.26 -39.80 0.28
N ASN A 87 18.50 -40.21 0.56
CA ASN A 87 19.26 -39.53 1.60
C ASN A 87 19.79 -38.22 1.05
N GLY A 88 19.70 -37.20 1.86
CA GLY A 88 19.83 -35.85 1.40
C GLY A 88 18.50 -35.17 1.17
N PHE A 89 17.41 -35.94 1.06
CA PHE A 89 16.09 -35.36 0.82
C PHE A 89 15.28 -35.36 2.10
N GLU A 90 14.48 -34.31 2.28
CA GLU A 90 13.56 -34.22 3.40
C GLU A 90 12.24 -33.65 2.92
N SER A 91 11.22 -33.75 3.77
CA SER A 91 9.89 -33.31 3.38
C SER A 91 9.82 -31.80 3.26
N LEU A 92 9.10 -31.33 2.22
CA LEU A 92 8.87 -29.91 1.96
C LEU A 92 7.48 -29.77 1.36
N PRO A 93 6.66 -28.85 1.85
CA PRO A 93 5.38 -28.60 1.18
C PRO A 93 5.60 -27.96 -0.17
N VAL A 94 4.79 -28.38 -1.14
CA VAL A 94 4.72 -27.72 -2.44
C VAL A 94 3.23 -27.42 -2.67
N PRO A 95 2.86 -26.19 -3.01
CA PRO A 95 3.74 -25.07 -3.35
C PRO A 95 4.43 -24.44 -2.16
N SER A 96 5.62 -23.93 -2.39
CA SER A 96 6.37 -23.21 -1.36
C SER A 96 7.41 -22.27 -1.97
N SER A 97 7.76 -21.28 -1.18
CA SER A 97 8.99 -20.50 -1.36
C SER A 97 9.97 -21.11 -0.37
N TRP A 98 10.98 -21.83 -0.86
CA TRP A 98 11.66 -22.74 0.04
C TRP A 98 12.42 -22.07 1.19
N PRO A 99 12.94 -20.86 1.03
CA PRO A 99 13.61 -20.19 2.17
C PRO A 99 12.66 -19.85 3.30
N MET A 100 11.35 -19.93 3.08
CA MET A 100 10.40 -19.72 4.17
C MET A 100 10.25 -20.96 5.04
N HIS A 101 10.98 -22.03 4.73
CA HIS A 101 10.83 -23.30 5.44
C HIS A 101 12.17 -23.79 5.99
N GLY A 102 13.11 -22.88 6.18
CA GLY A 102 14.37 -23.22 6.81
C GLY A 102 15.49 -23.60 5.87
N HIS A 103 15.32 -23.42 4.57
CA HIS A 103 16.30 -23.83 3.58
C HIS A 103 16.90 -22.58 2.97
N GLY A 104 18.10 -22.22 3.42
CA GLY A 104 18.65 -20.94 3.00
C GLY A 104 17.89 -19.83 3.69
N ALA A 105 17.89 -18.64 3.07
CA ALA A 105 17.28 -17.47 3.70
C ALA A 105 16.70 -16.53 2.66
N PRO A 106 15.60 -15.84 2.98
CA PRO A 106 15.14 -14.76 2.09
C PRO A 106 16.24 -13.71 1.95
N ALA A 107 16.21 -12.98 0.83
CA ALA A 107 17.12 -11.86 0.62
C ALA A 107 16.37 -10.74 -0.06
N TYR A 108 16.45 -9.52 0.48
CA TYR A 108 15.77 -8.37 -0.08
C TYR A 108 16.75 -7.43 -0.76
N THR A 109 16.50 -7.15 -2.03
CA THR A 109 17.13 -6.00 -2.71
C THR A 109 16.01 -5.24 -3.42
N ASN A 110 16.16 -3.94 -3.48
CA ASN A 110 15.22 -3.07 -4.17
C ASN A 110 15.60 -3.03 -5.64
N VAL A 111 16.56 -2.18 -5.97
CA VAL A 111 17.06 -2.04 -7.33
C VAL A 111 18.29 -2.91 -7.60
N GLN A 112 19.23 -2.93 -6.67
CA GLN A 112 20.51 -3.57 -6.94
C GLN A 112 20.36 -5.07 -7.12
N PHE A 113 21.05 -5.61 -8.13
CA PHE A 113 21.11 -7.04 -8.27
C PHE A 113 21.99 -7.62 -7.17
N PRO A 114 21.65 -8.81 -6.66
CA PRO A 114 22.47 -9.46 -5.63
C PRO A 114 23.64 -10.28 -6.17
N PHE A 115 23.92 -10.16 -7.47
CA PHE A 115 25.01 -10.85 -8.14
C PHE A 115 25.64 -9.88 -9.11
N ALA A 116 26.87 -10.18 -9.52
CA ALA A 116 27.58 -9.36 -10.48
C ALA A 116 26.76 -9.25 -11.75
N VAL A 117 26.77 -8.06 -12.37
CA VAL A 117 25.93 -7.81 -13.54
C VAL A 117 26.76 -8.11 -14.78
N GLU A 118 26.55 -9.30 -15.35
CA GLU A 118 27.24 -9.73 -16.56
C GLU A 118 26.35 -10.72 -17.28
N PRO A 119 25.21 -10.26 -17.80
CA PRO A 119 24.26 -11.18 -18.44
C PRO A 119 24.93 -11.93 -19.58
N PRO A 120 24.59 -13.21 -19.78
CA PRO A 120 23.57 -13.98 -19.06
C PRO A 120 24.13 -14.83 -17.92
N HIS A 121 25.31 -14.49 -17.40
CA HIS A 121 26.02 -15.39 -16.52
C HIS A 121 25.49 -15.35 -15.09
N VAL A 122 25.59 -16.50 -14.42
CA VAL A 122 25.09 -16.67 -13.07
C VAL A 122 26.24 -16.82 -12.07
N PRO A 123 26.03 -16.42 -10.83
CA PRO A 123 27.06 -16.55 -9.79
C PRO A 123 27.25 -18.00 -9.40
N GLU A 124 28.39 -18.25 -8.77
CA GLU A 124 28.71 -19.60 -8.31
C GLU A 124 27.81 -20.01 -7.15
N ALA A 125 27.47 -19.06 -6.27
CA ALA A 125 26.57 -19.32 -5.15
C ALA A 125 25.15 -19.17 -5.70
N ASN A 126 24.55 -20.32 -6.01
CA ASN A 126 23.27 -20.36 -6.72
C ASN A 126 22.46 -21.54 -6.21
N PRO A 127 21.66 -21.33 -5.18
CA PRO A 127 20.90 -22.45 -4.59
C PRO A 127 20.14 -23.26 -5.62
N ILE A 128 20.34 -24.58 -5.58
CA ILE A 128 19.70 -25.52 -6.49
C ILE A 128 18.82 -26.45 -5.65
N GLY A 129 17.50 -26.38 -5.88
CA GLY A 129 16.57 -27.19 -5.10
C GLY A 129 15.97 -28.33 -5.90
N ASP A 130 16.26 -29.56 -5.49
CA ASP A 130 15.74 -30.76 -6.15
C ASP A 130 14.46 -31.20 -5.44
N HIS A 131 13.38 -31.32 -6.20
CA HIS A 131 12.06 -31.64 -5.69
C HIS A 131 11.59 -32.94 -6.32
N LEU A 132 10.98 -33.82 -5.52
CA LEU A 132 10.49 -35.09 -6.05
C LEU A 132 9.17 -35.47 -5.37
N VAL A 133 8.24 -36.02 -6.16
CA VAL A 133 7.00 -36.54 -5.60
C VAL A 133 6.57 -37.77 -6.39
N VAL A 134 6.04 -38.75 -5.69
CA VAL A 134 5.45 -39.95 -6.29
C VAL A 134 3.95 -39.82 -6.18
N PHE A 135 3.27 -40.08 -7.29
CA PHE A 135 1.82 -39.97 -7.33
C PHE A 135 1.26 -41.08 -8.20
N GLU A 136 -0.04 -41.31 -8.06
CA GLU A 136 -0.76 -42.31 -8.82
C GLU A 136 -1.71 -41.65 -9.82
N ALA A 137 -1.77 -42.20 -11.02
CA ALA A 137 -2.64 -41.72 -12.08
C ALA A 137 -3.56 -42.85 -12.50
N GLY A 138 -4.87 -42.60 -12.47
CA GLY A 138 -5.85 -43.57 -12.91
C GLY A 138 -6.08 -43.53 -14.41
N PRO A 139 -6.95 -44.41 -14.89
CA PRO A 139 -7.17 -44.54 -16.33
C PRO A 139 -7.79 -43.30 -16.96
N GLU A 140 -8.41 -42.43 -16.18
CA GLU A 140 -8.97 -41.21 -16.75
C GLU A 140 -7.89 -40.29 -17.31
N PHE A 141 -6.62 -40.56 -17.03
CA PHE A 141 -5.56 -39.67 -17.52
C PHE A 141 -4.90 -40.22 -18.78
N PHE A 142 -5.54 -41.18 -19.44
CA PHE A 142 -5.00 -41.82 -20.62
C PHE A 142 -6.04 -41.84 -21.74
N PRO A 143 -5.63 -41.75 -23.00
CA PRO A 143 -4.24 -41.73 -23.44
C PRO A 143 -3.51 -40.40 -23.28
N HIS A 144 -4.21 -39.27 -23.09
CA HIS A 144 -3.56 -37.97 -23.12
C HIS A 144 -3.75 -37.19 -21.83
N ALA A 145 -2.66 -36.54 -21.40
CA ALA A 145 -2.64 -35.73 -20.19
C ALA A 145 -1.47 -34.75 -20.28
N LEU A 146 -1.54 -33.72 -19.45
CA LEU A 146 -0.43 -32.78 -19.33
C LEU A 146 -0.18 -32.51 -17.85
N LEU A 147 1.01 -31.99 -17.56
CA LEU A 147 1.34 -31.48 -16.25
C LEU A 147 1.48 -29.96 -16.36
N ARG A 148 0.87 -29.26 -15.41
CA ARG A 148 0.86 -27.79 -15.39
C ARG A 148 1.60 -27.27 -14.16
N PHE A 149 2.46 -26.27 -14.37
CA PHE A 149 3.18 -25.58 -13.30
C PHE A 149 2.79 -24.11 -13.37
N ASP A 150 2.11 -23.60 -12.35
CA ASP A 150 1.68 -22.21 -12.37
C ASP A 150 2.72 -21.21 -11.89
N GLY A 151 3.88 -21.66 -11.43
CA GLY A 151 4.98 -20.77 -11.09
C GLY A 151 6.18 -21.47 -10.50
N ILE A 152 7.38 -21.21 -11.07
CA ILE A 152 8.64 -21.73 -10.57
C ILE A 152 9.66 -20.59 -10.65
N GLU A 153 10.25 -20.21 -9.51
CA GLU A 153 11.26 -19.15 -9.44
C GLU A 153 12.64 -19.78 -9.24
N SER A 154 13.60 -19.58 -10.18
CA SER A 154 13.42 -18.94 -11.50
C SER A 154 13.55 -19.87 -12.69
N ALA A 155 14.22 -21.01 -12.51
CA ALA A 155 14.46 -21.90 -13.64
C ALA A 155 14.20 -23.33 -13.22
N GLY A 156 13.29 -24.01 -13.90
CA GLY A 156 12.97 -25.38 -13.59
C GLY A 156 13.33 -26.30 -14.74
N THR A 157 13.80 -27.49 -14.40
CA THR A 157 13.91 -28.60 -15.34
C THR A 157 13.06 -29.73 -14.78
N VAL A 158 12.22 -30.28 -15.64
CA VAL A 158 11.18 -31.22 -15.22
C VAL A 158 11.44 -32.59 -15.86
N TRP A 159 11.44 -33.64 -15.03
CA TRP A 159 11.46 -35.02 -15.50
C TRP A 159 10.25 -35.78 -14.99
N LEU A 160 9.73 -36.68 -15.81
CA LEU A 160 8.69 -37.62 -15.40
C LEU A 160 9.13 -39.03 -15.70
N ASN A 161 9.17 -39.87 -14.67
CA ASN A 161 9.65 -41.24 -14.81
C ASN A 161 11.01 -41.28 -15.50
N GLY A 162 11.86 -40.31 -15.15
CA GLY A 162 13.19 -40.23 -15.70
C GLY A 162 13.31 -39.56 -17.05
N VAL A 163 12.20 -39.23 -17.71
CA VAL A 163 12.23 -38.62 -19.03
C VAL A 163 12.15 -37.10 -18.86
N GLU A 164 13.09 -36.38 -19.45
CA GLU A 164 13.08 -34.91 -19.39
C GLU A 164 11.96 -34.34 -20.24
N LEU A 165 11.05 -33.61 -19.62
CA LEU A 165 9.95 -32.98 -20.33
C LEU A 165 10.36 -31.63 -20.91
N GLY A 166 11.18 -30.88 -20.19
CA GLY A 166 11.59 -29.57 -20.66
C GLY A 166 11.93 -28.67 -19.49
N THR A 167 11.93 -27.37 -19.78
CA THR A 167 12.34 -26.38 -18.78
C THR A 167 11.39 -25.20 -18.79
N THR A 168 11.44 -24.44 -17.71
CA THR A 168 10.53 -23.31 -17.49
C THR A 168 11.35 -22.03 -17.30
N ARG A 169 10.88 -20.95 -17.92
CA ARG A 169 11.41 -19.62 -17.70
C ARG A 169 10.23 -18.67 -17.66
N GLY A 170 10.34 -17.63 -16.81
CA GLY A 170 9.22 -16.74 -16.55
C GLY A 170 8.59 -17.17 -15.24
N SER A 171 9.09 -16.60 -14.13
CA SER A 171 8.85 -17.20 -12.83
C SER A 171 7.38 -17.19 -12.42
N ARG A 172 6.64 -16.15 -12.81
CA ARG A 172 5.24 -16.04 -12.42
C ARG A 172 4.30 -16.39 -13.56
N LEU A 173 4.79 -17.12 -14.56
CA LEU A 173 4.04 -17.55 -15.72
C LEU A 173 3.82 -19.06 -15.68
N ALA A 174 2.76 -19.50 -16.35
CA ALA A 174 2.42 -20.92 -16.36
C ALA A 174 3.14 -21.66 -17.48
N HIS A 175 3.46 -22.93 -17.23
CA HIS A 175 3.98 -23.84 -18.26
C HIS A 175 3.27 -25.17 -18.16
N GLU A 176 2.99 -25.77 -19.32
CA GLU A 176 2.37 -27.08 -19.39
C GLU A 176 3.20 -27.99 -20.26
N PHE A 177 3.29 -29.26 -19.87
CA PHE A 177 4.08 -30.26 -20.59
C PHE A 177 3.23 -31.47 -20.89
N ASP A 178 3.24 -31.91 -22.15
CA ASP A 178 2.54 -33.12 -22.57
C ASP A 178 3.22 -34.33 -21.94
N VAL A 179 2.46 -35.17 -21.26
CA VAL A 179 3.01 -36.37 -20.63
C VAL A 179 2.49 -37.63 -21.29
N SER A 180 1.78 -37.48 -22.41
CA SER A 180 1.27 -38.63 -23.14
C SER A 180 2.44 -39.54 -23.55
N GLY A 181 2.29 -40.83 -23.26
CA GLY A 181 3.34 -41.79 -23.55
C GLY A 181 4.45 -41.85 -22.53
N ILE A 182 4.42 -40.98 -21.53
CA ILE A 182 5.41 -40.95 -20.47
C ILE A 182 4.77 -41.28 -19.13
N LEU A 183 3.66 -40.61 -18.83
CA LEU A 183 2.84 -40.97 -17.69
C LEU A 183 2.46 -42.44 -17.82
N GLU A 184 2.45 -43.13 -16.69
CA GLU A 184 2.08 -44.53 -16.63
C GLU A 184 0.88 -44.69 -15.72
N GLN A 185 0.04 -45.68 -16.01
CA GLN A 185 -1.05 -45.97 -15.10
C GLN A 185 -0.47 -46.55 -13.81
N GLY A 186 -0.91 -46.03 -12.68
CA GLY A 186 -0.32 -46.42 -11.41
C GLY A 186 0.69 -45.37 -10.95
N GLU A 187 1.78 -45.83 -10.36
CA GLU A 187 2.75 -44.92 -9.76
C GLU A 187 3.60 -44.19 -10.80
N ASN A 188 3.85 -42.91 -10.54
CA ASN A 188 4.72 -42.09 -11.36
C ASN A 188 5.62 -41.28 -10.45
N THR A 189 6.81 -40.94 -10.95
CA THR A 189 7.77 -40.13 -10.21
C THR A 189 8.05 -38.84 -10.95
N LEU A 190 7.70 -37.72 -10.31
CA LEU A 190 7.93 -36.39 -10.87
C LEU A 190 9.12 -35.77 -10.16
N ALA A 191 10.07 -35.25 -10.95
CA ALA A 191 11.27 -34.63 -10.43
C ALA A 191 11.44 -33.27 -11.07
N VAL A 192 11.77 -32.28 -10.24
CA VAL A 192 11.97 -30.90 -10.71
C VAL A 192 13.21 -30.35 -10.05
N ARG A 193 14.19 -29.97 -10.86
CA ARG A 193 15.35 -29.23 -10.36
C ARG A 193 15.12 -27.75 -10.59
N VAL A 194 15.16 -26.98 -9.53
CA VAL A 194 14.90 -25.54 -9.58
C VAL A 194 16.17 -24.79 -9.21
N ALA A 195 16.62 -23.89 -10.09
CA ALA A 195 17.73 -23.00 -9.77
C ALA A 195 17.18 -21.66 -9.33
N GLN A 196 17.71 -21.12 -8.22
CA GLN A 196 17.27 -19.79 -7.80
C GLN A 196 17.60 -18.75 -8.87
N PHE A 197 18.85 -18.70 -9.30
CA PHE A 197 19.30 -17.70 -10.26
C PHE A 197 19.51 -18.35 -11.62
N SER A 198 19.22 -17.56 -12.66
CA SER A 198 19.40 -17.97 -14.04
C SER A 198 19.51 -16.70 -14.86
N ALA A 199 19.69 -16.83 -16.17
CA ALA A 199 19.65 -15.63 -16.99
C ALA A 199 18.37 -14.85 -16.76
N ALA A 200 17.26 -15.54 -16.46
CA ALA A 200 15.98 -14.87 -16.21
C ALA A 200 16.02 -13.93 -15.02
N SER A 201 16.93 -14.13 -14.08
CA SER A 201 17.00 -13.20 -12.95
C SER A 201 17.29 -11.77 -13.41
N TYR A 202 17.96 -11.61 -14.54
CA TYR A 202 18.28 -10.28 -15.03
C TYR A 202 17.05 -9.52 -15.51
N VAL A 203 15.95 -10.23 -15.77
CA VAL A 203 14.69 -9.60 -16.19
C VAL A 203 13.61 -9.75 -15.14
N GLU A 204 13.99 -10.15 -13.93
CA GLU A 204 13.08 -10.33 -12.80
C GLU A 204 13.62 -9.60 -11.56
N ASP A 205 13.97 -8.31 -11.71
CA ASP A 205 14.55 -7.49 -10.65
C ASP A 205 13.53 -6.59 -9.98
N GLN A 206 12.33 -7.09 -9.71
CA GLN A 206 11.35 -6.35 -8.95
C GLN A 206 11.87 -6.02 -7.56
N ASP A 207 11.35 -4.93 -6.99
CA ASP A 207 11.62 -4.52 -5.60
C ASP A 207 10.80 -5.39 -4.65
N MET A 208 11.38 -6.51 -4.21
CA MET A 208 10.70 -7.52 -3.41
C MET A 208 11.75 -8.55 -2.97
N TRP A 209 11.34 -9.51 -2.16
CA TRP A 209 12.26 -10.55 -1.74
C TRP A 209 12.59 -11.47 -2.91
N TRP A 210 13.83 -11.93 -2.96
CA TRP A 210 14.21 -13.01 -3.85
C TRP A 210 13.88 -14.32 -3.14
N LEU A 211 13.01 -15.13 -3.74
CA LEU A 211 12.46 -16.34 -3.09
C LEU A 211 12.33 -17.45 -4.13
N PRO A 212 13.27 -18.37 -4.19
CA PRO A 212 13.14 -19.50 -5.12
C PRO A 212 12.08 -20.49 -4.65
N GLY A 213 11.50 -21.20 -5.59
CA GLY A 213 10.67 -22.33 -5.24
C GLY A 213 9.64 -22.66 -6.31
N ILE A 214 8.98 -23.79 -6.08
CA ILE A 214 7.79 -24.19 -6.85
C ILE A 214 6.63 -23.61 -6.04
N PHE A 215 6.27 -22.36 -6.32
CA PHE A 215 5.46 -21.56 -5.39
C PHE A 215 4.00 -21.42 -5.81
N ARG A 216 3.58 -22.08 -6.90
CA ARG A 216 2.18 -22.17 -7.25
C ARG A 216 1.86 -23.61 -7.64
N ASP A 217 0.56 -23.84 -7.89
CA ASP A 217 -0.01 -25.17 -8.09
C ASP A 217 0.76 -26.00 -9.12
N VAL A 218 0.79 -27.30 -8.86
CA VAL A 218 1.23 -28.32 -9.81
C VAL A 218 0.03 -29.23 -10.05
N THR A 219 -0.39 -29.38 -11.31
CA THR A 219 -1.64 -30.05 -11.62
C THR A 219 -1.45 -31.03 -12.78
N LEU A 220 -2.04 -32.22 -12.65
CA LEU A 220 -2.15 -33.16 -13.75
C LEU A 220 -3.54 -33.00 -14.34
N GLN A 221 -3.64 -32.81 -15.67
CA GLN A 221 -4.92 -32.64 -16.32
C GLN A 221 -5.07 -33.60 -17.49
N ALA A 222 -6.15 -34.38 -17.49
CA ALA A 222 -6.48 -35.20 -18.63
C ALA A 222 -6.86 -34.30 -19.80
N ARG A 223 -6.50 -34.74 -21.01
CA ARG A 223 -6.84 -34.03 -22.25
C ARG A 223 -7.67 -34.96 -23.13
N PRO A 224 -8.98 -35.08 -22.85
CA PRO A 224 -9.81 -36.00 -23.63
C PRO A 224 -9.88 -35.62 -25.10
N ALA A 225 -10.17 -36.63 -25.92
CA ALA A 225 -10.35 -36.39 -27.34
C ALA A 225 -11.55 -35.50 -27.58
N ALA A 226 -11.50 -34.72 -28.66
CA ALA A 226 -12.59 -33.83 -29.05
C ALA A 226 -12.83 -32.78 -27.97
N GLY A 227 -11.74 -32.31 -27.37
CA GLY A 227 -11.80 -31.37 -26.27
C GLY A 227 -11.60 -29.94 -26.71
N ILE A 228 -11.29 -29.09 -25.73
CA ILE A 228 -11.12 -27.66 -25.92
C ILE A 228 -9.80 -27.25 -25.25
N ASP A 229 -8.83 -26.80 -26.04
CA ASP A 229 -7.57 -26.35 -25.47
C ASP A 229 -7.59 -24.88 -25.06
N ASP A 230 -8.12 -23.98 -25.90
CA ASP A 230 -8.11 -22.56 -25.58
C ASP A 230 -9.42 -21.92 -25.98
N VAL A 231 -9.77 -20.83 -25.30
CA VAL A 231 -10.97 -20.06 -25.54
C VAL A 231 -10.58 -18.60 -25.44
N PHE A 232 -11.13 -17.77 -26.31
CA PHE A 232 -10.94 -16.32 -26.26
C PHE A 232 -12.34 -15.68 -26.28
N VAL A 233 -12.74 -15.14 -25.14
CA VAL A 233 -14.02 -14.45 -24.98
C VAL A 233 -13.85 -13.00 -25.42
N HIS A 234 -14.76 -12.54 -26.29
CA HIS A 234 -14.85 -11.14 -26.68
C HIS A 234 -16.25 -10.70 -26.28
N ALA A 235 -16.35 -9.78 -25.33
CA ALA A 235 -17.64 -9.38 -24.76
C ALA A 235 -17.65 -7.87 -24.59
N GLY A 236 -18.14 -7.17 -25.60
CA GLY A 236 -18.18 -5.74 -25.60
C GLY A 236 -19.56 -5.23 -25.22
N TYR A 237 -19.65 -3.91 -25.08
CA TYR A 237 -20.89 -3.27 -24.66
C TYR A 237 -21.06 -1.99 -25.45
N ASP A 238 -22.23 -1.84 -26.09
CA ASP A 238 -22.58 -0.65 -26.84
C ASP A 238 -23.44 0.21 -25.93
N HIS A 239 -22.85 1.28 -25.38
CA HIS A 239 -23.58 2.08 -24.41
C HIS A 239 -24.67 2.93 -25.04
N ILE A 240 -24.68 3.07 -26.37
CA ILE A 240 -25.77 3.80 -27.00
C ILE A 240 -27.03 2.94 -27.02
N THR A 241 -26.92 1.66 -27.37
CA THR A 241 -28.07 0.77 -27.52
C THR A 241 -28.31 -0.14 -26.34
N GLY A 242 -27.34 -0.27 -25.44
CA GLY A 242 -27.45 -1.21 -24.33
C GLY A 242 -27.17 -2.64 -24.73
N GLU A 243 -26.67 -2.88 -25.94
CA GLU A 243 -26.46 -4.24 -26.43
C GLU A 243 -25.09 -4.75 -26.02
N GLY A 244 -25.01 -6.07 -25.82
CA GLY A 244 -23.73 -6.74 -25.74
C GLY A 244 -23.28 -7.17 -27.12
N ILE A 245 -21.96 -7.26 -27.29
CA ILE A 245 -21.36 -7.78 -28.51
C ILE A 245 -20.51 -8.97 -28.11
N LEU A 246 -20.92 -10.17 -28.51
CA LEU A 246 -20.32 -11.40 -28.01
C LEU A 246 -19.75 -12.24 -29.14
N LYS A 247 -18.51 -12.70 -28.94
CA LYS A 247 -17.91 -13.73 -29.80
C LYS A 247 -17.00 -14.57 -28.92
N VAL A 248 -17.22 -15.87 -28.89
CA VAL A 248 -16.40 -16.78 -28.11
C VAL A 248 -15.67 -17.69 -29.08
N GLU A 249 -14.35 -17.51 -29.17
CA GLU A 249 -13.53 -18.36 -30.02
C GLU A 249 -13.07 -19.56 -29.23
N ALA A 250 -12.96 -20.70 -29.90
CA ALA A 250 -12.52 -21.92 -29.23
C ALA A 250 -11.60 -22.69 -30.16
N SER A 251 -10.55 -23.27 -29.62
CA SER A 251 -9.58 -23.98 -30.43
C SER A 251 -9.10 -25.25 -29.76
N ARG A 252 -8.55 -26.14 -30.57
CA ARG A 252 -7.95 -27.41 -30.14
C ARG A 252 -6.72 -27.63 -31.00
N GLY A 253 -5.57 -27.80 -30.40
CA GLY A 253 -4.36 -28.02 -31.19
C GLY A 253 -4.05 -26.87 -32.14
N GLY A 254 -4.43 -25.66 -31.76
CA GLY A 254 -4.19 -24.49 -32.59
C GLY A 254 -5.18 -24.28 -33.71
N GLN A 255 -6.24 -25.08 -33.79
CA GLN A 255 -7.24 -24.95 -34.85
C GLN A 255 -8.59 -24.59 -34.27
N ALA A 256 -9.31 -23.70 -34.94
CA ALA A 256 -10.67 -23.39 -34.55
C ALA A 256 -11.53 -24.64 -34.62
N ILE A 257 -12.41 -24.81 -33.63
CA ILE A 257 -13.25 -25.99 -33.55
C ILE A 257 -14.70 -25.56 -33.47
N ASP A 258 -15.56 -26.46 -33.91
CA ASP A 258 -16.98 -26.34 -33.65
C ASP A 258 -17.19 -26.59 -32.17
N ALA A 259 -17.85 -25.64 -31.52
CA ALA A 259 -18.25 -25.79 -30.13
C ALA A 259 -19.52 -24.98 -29.98
N VAL A 260 -20.31 -25.34 -28.96
CA VAL A 260 -21.56 -24.66 -28.65
C VAL A 260 -21.37 -23.79 -27.42
N VAL A 261 -21.79 -22.53 -27.50
CA VAL A 261 -21.72 -21.59 -26.40
C VAL A 261 -23.13 -21.38 -25.88
N ARG A 262 -23.34 -21.60 -24.58
CA ARG A 262 -24.65 -21.42 -23.97
C ARG A 262 -24.55 -20.40 -22.86
N VAL A 263 -25.44 -19.40 -22.88
CA VAL A 263 -25.49 -18.37 -21.84
C VAL A 263 -26.93 -18.31 -21.35
N PRO A 264 -27.30 -19.14 -20.38
CA PRO A 264 -28.73 -19.32 -20.08
C PRO A 264 -29.44 -18.06 -19.63
N GLU A 265 -28.78 -17.21 -18.87
CA GLU A 265 -29.46 -16.03 -18.33
C GLU A 265 -29.84 -15.08 -19.46
N LEU A 266 -29.10 -15.11 -20.57
CA LEU A 266 -29.37 -14.26 -21.72
C LEU A 266 -30.11 -15.02 -22.82
N ALA A 267 -30.51 -16.26 -22.57
CA ALA A 267 -31.28 -17.06 -23.52
C ALA A 267 -30.53 -17.26 -24.84
N LEU A 268 -29.23 -17.51 -24.77
CA LEU A 268 -28.36 -17.62 -25.94
C LEU A 268 -27.90 -19.06 -26.09
N GLU A 269 -27.94 -19.56 -27.33
CA GLU A 269 -27.22 -20.77 -27.71
C GLU A 269 -26.62 -20.48 -29.07
N LEU A 270 -25.29 -20.39 -29.15
CA LEU A 270 -24.64 -19.96 -30.38
C LEU A 270 -23.38 -20.77 -30.62
N ALA A 271 -22.92 -20.72 -31.86
CA ALA A 271 -21.70 -21.41 -32.24
C ALA A 271 -20.48 -20.60 -31.81
N ALA A 272 -19.45 -21.31 -31.39
CA ALA A 272 -18.17 -20.64 -31.19
C ALA A 272 -17.71 -20.04 -32.50
N GLY A 273 -17.05 -18.89 -32.42
CA GLY A 273 -16.48 -18.27 -33.60
C GLY A 273 -17.39 -17.33 -34.34
N THR A 274 -18.61 -17.09 -33.87
CA THR A 274 -19.56 -16.19 -34.52
C THR A 274 -19.85 -15.01 -33.61
N GLU A 275 -19.85 -13.81 -34.18
CA GLU A 275 -20.12 -12.59 -33.42
C GLU A 275 -21.62 -12.29 -33.47
N VAL A 276 -22.21 -12.04 -32.31
CA VAL A 276 -23.63 -11.75 -32.22
C VAL A 276 -23.85 -10.49 -31.39
N ARG A 277 -25.02 -9.89 -31.58
CA ARG A 277 -25.47 -8.74 -30.81
C ARG A 277 -26.54 -9.20 -29.82
N VAL A 278 -26.29 -9.00 -28.54
CA VAL A 278 -27.20 -9.43 -27.44
C VAL A 278 -28.04 -8.22 -27.06
N PRO A 279 -29.37 -8.32 -27.13
CA PRO A 279 -30.16 -7.08 -27.16
C PRO A 279 -30.04 -6.22 -25.94
N ALA A 280 -30.05 -6.81 -24.76
CA ALA A 280 -30.02 -5.98 -23.55
C ALA A 280 -29.17 -6.71 -22.52
N VAL A 281 -27.99 -6.20 -22.29
CA VAL A 281 -27.13 -6.76 -21.25
C VAL A 281 -26.94 -5.70 -20.20
N GLU A 282 -26.65 -6.16 -18.99
CA GLU A 282 -26.23 -5.28 -17.92
C GLU A 282 -24.71 -5.26 -17.94
N PRO A 283 -24.09 -4.11 -18.16
CA PRO A 283 -22.63 -4.07 -18.35
C PRO A 283 -21.85 -4.26 -17.06
N TRP A 284 -20.62 -4.75 -17.23
CA TRP A 284 -19.68 -4.98 -16.13
C TRP A 284 -18.87 -3.72 -15.85
N SER A 285 -18.74 -3.38 -14.57
CA SER A 285 -17.79 -2.38 -14.10
C SER A 285 -17.35 -2.77 -12.69
N ALA A 286 -16.31 -2.12 -12.18
CA ALA A 286 -15.95 -2.38 -10.80
C ALA A 286 -17.09 -2.04 -9.85
N GLU A 287 -17.92 -1.04 -10.19
CA GLU A 287 -19.03 -0.63 -9.34
C GLU A 287 -20.14 -1.65 -9.36
N VAL A 288 -20.43 -2.22 -10.53
CA VAL A 288 -21.52 -3.16 -10.70
C VAL A 288 -20.97 -4.32 -11.51
N PRO A 289 -20.32 -5.29 -10.86
CA PRO A 289 -19.55 -6.33 -11.59
C PRO A 289 -20.43 -7.46 -12.10
N LYS A 290 -21.38 -7.13 -12.96
CA LYS A 290 -22.33 -8.11 -13.48
C LYS A 290 -21.61 -9.15 -14.33
N LEU A 291 -21.77 -10.41 -13.98
CA LEU A 291 -21.19 -11.53 -14.72
C LEU A 291 -22.30 -12.49 -15.13
N TYR A 292 -22.17 -13.00 -16.35
CA TYR A 292 -23.09 -14.01 -16.89
C TYR A 292 -22.39 -15.34 -16.98
N GLU A 293 -22.99 -16.37 -16.39
CA GLU A 293 -22.42 -17.71 -16.48
C GLU A 293 -22.59 -18.27 -17.89
N ALA A 294 -21.53 -18.88 -18.40
CA ALA A 294 -21.57 -19.44 -19.74
C ALA A 294 -20.81 -20.75 -19.78
N ALA A 295 -21.13 -21.57 -20.78
CA ALA A 295 -20.40 -22.80 -20.99
C ALA A 295 -20.07 -22.91 -22.47
N VAL A 296 -18.87 -23.37 -22.77
CA VAL A 296 -18.46 -23.67 -24.14
C VAL A 296 -18.20 -25.16 -24.19
N SER A 297 -18.90 -25.86 -25.08
CA SER A 297 -18.94 -27.31 -25.06
C SER A 297 -18.58 -27.90 -26.42
N ALA A 298 -17.65 -28.83 -26.40
CA ALA A 298 -17.33 -29.72 -27.51
C ALA A 298 -17.71 -31.13 -27.09
N ALA A 299 -17.56 -32.10 -28.01
CA ALA A 299 -18.03 -33.45 -27.72
C ALA A 299 -17.36 -34.03 -26.48
N GLY A 300 -16.07 -33.73 -26.27
CA GLY A 300 -15.29 -34.37 -25.22
C GLY A 300 -14.94 -33.52 -24.01
N GLU A 301 -15.31 -32.23 -24.01
CA GLU A 301 -14.91 -31.33 -22.93
C GLU A 301 -15.81 -30.11 -22.93
N SER A 302 -16.09 -29.59 -21.75
CA SER A 302 -16.84 -28.36 -21.57
CA SER A 302 -16.84 -28.35 -21.56
C SER A 302 -16.07 -27.43 -20.64
N VAL A 303 -16.04 -26.14 -20.98
CA VAL A 303 -15.39 -25.10 -20.21
C VAL A 303 -16.44 -24.16 -19.65
N ALA A 304 -16.26 -23.78 -18.39
CA ALA A 304 -17.17 -22.86 -17.71
C ALA A 304 -16.54 -21.47 -17.66
N LEU A 305 -17.32 -20.44 -18.01
CA LEU A 305 -16.83 -19.08 -18.07
C LEU A 305 -17.77 -18.15 -17.32
N GLN A 306 -17.21 -17.03 -16.83
CA GLN A 306 -18.01 -15.91 -16.36
C GLN A 306 -17.73 -14.73 -17.28
N ILE A 307 -18.75 -14.26 -17.96
CA ILE A 307 -18.60 -13.24 -19.00
C ILE A 307 -19.09 -11.90 -18.45
N GLY A 308 -18.23 -10.89 -18.51
CA GLY A 308 -18.64 -9.53 -18.20
C GLY A 308 -18.57 -8.67 -19.44
N PHE A 309 -19.66 -8.05 -19.84
CA PHE A 309 -19.71 -7.25 -21.05
C PHE A 309 -19.22 -5.84 -20.74
N ARG A 310 -18.13 -5.43 -21.38
CA ARG A 310 -17.64 -4.07 -21.17
C ARG A 310 -16.70 -3.72 -22.31
N SER A 311 -16.73 -2.46 -22.71
CA SER A 311 -15.86 -1.95 -23.75
C SER A 311 -15.02 -0.81 -23.21
N ILE A 312 -13.74 -0.80 -23.60
CA ILE A 312 -12.77 0.18 -23.16
C ILE A 312 -12.42 1.03 -24.37
N ALA A 313 -12.42 2.36 -24.19
CA ALA A 313 -12.10 3.26 -25.28
C ALA A 313 -11.26 4.42 -24.75
N ILE A 314 -10.36 4.90 -25.59
CA ILE A 314 -9.63 6.13 -25.30
C ILE A 314 -10.07 7.17 -26.32
N GLU A 315 -10.62 8.26 -25.82
CA GLU A 315 -11.27 9.26 -26.65
C GLU A 315 -11.18 10.59 -25.92
N ASP A 316 -10.84 11.64 -26.66
CA ASP A 316 -10.74 12.99 -26.10
C ASP A 316 -9.82 13.03 -24.90
N ALA A 317 -8.73 12.28 -24.97
CA ALA A 317 -7.70 12.24 -23.91
C ALA A 317 -8.28 11.72 -22.59
N GLN A 318 -9.27 10.82 -22.68
CA GLN A 318 -9.88 10.21 -21.52
C GLN A 318 -9.91 8.69 -21.67
N PHE A 319 -9.75 7.98 -20.56
CA PHE A 319 -9.87 6.54 -20.50
C PHE A 319 -11.30 6.22 -20.08
N LYS A 320 -12.06 5.60 -20.98
CA LYS A 320 -13.48 5.36 -20.78
C LYS A 320 -13.81 3.87 -20.75
N VAL A 321 -14.76 3.50 -19.90
CA VAL A 321 -15.32 2.17 -19.86
C VAL A 321 -16.83 2.33 -20.06
N ASN A 322 -17.38 1.55 -20.99
CA ASN A 322 -18.80 1.60 -21.28
C ASN A 322 -19.30 3.00 -21.54
N GLY A 323 -18.47 3.78 -22.25
CA GLY A 323 -18.82 5.10 -22.68
C GLY A 323 -18.61 6.21 -21.68
N ARG A 324 -18.08 5.93 -20.50
CA ARG A 324 -17.91 6.95 -19.47
C ARG A 324 -16.48 6.97 -18.97
N ARG A 325 -15.98 8.18 -18.71
CA ARG A 325 -14.70 8.33 -18.04
C ARG A 325 -14.81 7.74 -16.64
N ILE A 326 -13.79 6.97 -16.24
CA ILE A 326 -13.77 6.41 -14.88
C ILE A 326 -12.65 7.06 -14.06
N LEU A 327 -12.74 6.90 -12.74
CA LEU A 327 -11.68 7.34 -11.84
C LEU A 327 -11.11 6.12 -11.14
N LEU A 328 -9.84 5.85 -11.36
CA LEU A 328 -9.15 4.72 -10.77
C LEU A 328 -8.67 5.09 -9.36
N ARG A 329 -9.25 4.43 -8.39
CA ARG A 329 -8.80 4.47 -6.97
CA ARG A 329 -8.77 4.49 -6.96
C ARG A 329 -8.00 3.16 -6.56
N GLY A 330 -6.72 3.21 -6.89
CA GLY A 330 -5.98 1.98 -7.01
C GLY A 330 -4.89 1.74 -5.98
N VAL A 331 -4.46 0.47 -5.96
CA VAL A 331 -3.26 0.04 -5.22
C VAL A 331 -2.42 -0.89 -6.10
N ASN A 332 -1.12 -0.90 -5.85
CA ASN A 332 -0.22 -1.89 -6.39
C ASN A 332 -0.17 -3.09 -5.45
N ARG A 333 -0.56 -4.26 -5.96
CA ARG A 333 -0.64 -5.49 -5.17
C ARG A 333 0.46 -6.45 -5.57
N HIS A 334 1.42 -6.66 -4.67
CA HIS A 334 2.34 -7.79 -4.74
C HIS A 334 1.71 -9.02 -4.08
N GLU A 335 2.28 -10.18 -4.37
CA GLU A 335 1.89 -11.42 -3.71
C GLU A 335 2.92 -11.75 -2.64
N HIS A 336 2.51 -11.61 -1.38
CA HIS A 336 3.41 -11.85 -0.26
C HIS A 336 2.63 -12.31 0.95
N HIS A 337 3.25 -13.25 1.68
CA HIS A 337 2.74 -13.70 2.93
C HIS A 337 3.91 -13.77 3.92
N PRO A 338 3.72 -13.32 5.16
CA PRO A 338 4.86 -13.18 6.08
C PRO A 338 5.46 -14.48 6.56
N ARG A 339 4.76 -15.60 6.39
CA ARG A 339 5.30 -16.89 6.76
C ARG A 339 5.43 -17.84 5.58
N LEU A 340 4.76 -17.58 4.47
CA LEU A 340 4.79 -18.47 3.32
C LEU A 340 5.44 -17.84 2.09
N GLY A 341 5.81 -16.56 2.12
CA GLY A 341 6.54 -15.99 1.00
C GLY A 341 5.65 -15.62 -0.17
N ARG A 342 5.93 -16.17 -1.35
CA ARG A 342 5.13 -15.87 -2.53
C ARG A 342 3.86 -16.72 -2.62
N VAL A 343 3.66 -17.65 -1.69
CA VAL A 343 2.44 -18.44 -1.61
C VAL A 343 1.42 -17.67 -0.76
N VAL A 344 0.33 -17.24 -1.37
CA VAL A 344 -0.71 -16.51 -0.64
C VAL A 344 -1.94 -17.42 -0.57
N PRO A 345 -2.29 -17.94 0.61
CA PRO A 345 -3.47 -18.80 0.71
C PRO A 345 -4.73 -18.10 0.21
N ARG A 346 -5.60 -18.89 -0.41
CA ARG A 346 -6.82 -18.33 -1.01
C ARG A 346 -7.63 -17.53 0.01
N ASP A 347 -7.73 -18.00 1.26
CA ASP A 347 -8.54 -17.26 2.21
C ASP A 347 -7.95 -15.89 2.51
N VAL A 348 -6.63 -15.78 2.46
CA VAL A 348 -5.97 -14.48 2.64
C VAL A 348 -6.25 -13.57 1.45
N VAL A 349 -6.22 -14.13 0.23
CA VAL A 349 -6.56 -13.36 -0.96
C VAL A 349 -7.98 -12.82 -0.85
N GLU A 350 -8.94 -13.71 -0.60
CA GLU A 350 -10.33 -13.26 -0.52
C GLU A 350 -10.49 -12.17 0.53
N ALA A 351 -9.87 -12.37 1.69
CA ALA A 351 -10.03 -11.39 2.76
C ALA A 351 -9.38 -10.06 2.42
N GLU A 352 -8.21 -10.09 1.75
CA GLU A 352 -7.55 -8.83 1.44
C GLU A 352 -8.30 -8.06 0.36
N LEU A 353 -8.93 -8.76 -0.59
CA LEU A 353 -9.72 -8.06 -1.59
C LEU A 353 -10.95 -7.43 -0.96
N ARG A 354 -11.62 -8.14 -0.05
CA ARG A 354 -12.71 -7.51 0.68
C ARG A 354 -12.22 -6.30 1.48
N LEU A 355 -11.05 -6.42 2.10
CA LEU A 355 -10.49 -5.29 2.84
C LEU A 355 -10.27 -4.10 1.91
N MET A 356 -9.76 -4.34 0.70
CA MET A 356 -9.59 -3.25 -0.25
C MET A 356 -10.93 -2.58 -0.55
N LYS A 357 -11.96 -3.38 -0.86
CA LYS A 357 -13.28 -2.81 -1.15
C LYS A 357 -13.82 -2.04 0.04
N GLN A 358 -13.57 -2.54 1.25
CA GLN A 358 -13.97 -1.86 2.48
C GLN A 358 -13.27 -0.53 2.68
N HIS A 359 -12.18 -0.27 1.94
CA HIS A 359 -11.45 0.98 2.01
C HIS A 359 -11.52 1.77 0.71
N ASN A 360 -12.57 1.54 -0.07
CA ASN A 360 -12.98 2.36 -1.23
C ASN A 360 -12.08 2.20 -2.44
N ILE A 361 -11.24 1.18 -2.45
CA ILE A 361 -10.38 0.88 -3.59
C ILE A 361 -11.22 0.22 -4.68
N ASN A 362 -11.01 0.62 -5.95
CA ASN A 362 -11.73 0.01 -7.08
C ASN A 362 -10.78 -0.50 -8.16
N ALA A 363 -9.47 -0.49 -7.93
CA ALA A 363 -8.53 -0.82 -9.00
C ALA A 363 -7.25 -1.41 -8.43
N ILE A 364 -6.66 -2.35 -9.19
CA ILE A 364 -5.46 -3.07 -8.75
C ILE A 364 -4.48 -3.14 -9.91
N ARG A 365 -3.21 -2.80 -9.64
CA ARG A 365 -2.13 -3.09 -10.57
C ARG A 365 -1.38 -4.30 -10.02
N THR A 366 -1.16 -5.32 -10.86
CA THR A 366 -0.52 -6.55 -10.40
C THR A 366 1.00 -6.34 -10.49
N SER A 367 1.50 -5.54 -9.56
CA SER A 367 2.92 -5.21 -9.52
C SER A 367 3.73 -6.44 -9.12
N HIS A 368 4.74 -6.84 -9.92
CA HIS A 368 5.00 -6.47 -11.31
C HIS A 368 5.16 -7.79 -12.09
N TYR A 369 4.08 -8.54 -12.15
CA TYR A 369 4.04 -9.89 -12.70
C TYR A 369 2.60 -10.37 -12.60
N PRO A 370 2.20 -11.38 -13.36
CA PRO A 370 0.84 -11.88 -13.25
C PRO A 370 0.61 -12.51 -11.89
N PRO A 371 -0.58 -12.34 -11.33
CA PRO A 371 -0.90 -12.96 -10.04
C PRO A 371 -1.21 -14.44 -10.19
N HIS A 372 -1.55 -15.06 -9.07
CA HIS A 372 -2.05 -16.43 -9.11
C HIS A 372 -3.20 -16.50 -10.11
N PRO A 373 -3.29 -17.56 -10.93
CA PRO A 373 -4.32 -17.57 -11.98
C PRO A 373 -5.75 -17.45 -11.46
N GLN A 374 -6.02 -17.88 -10.24
CA GLN A 374 -7.37 -17.79 -9.68
C GLN A 374 -7.70 -16.40 -9.12
N PHE A 375 -6.74 -15.47 -9.09
CA PHE A 375 -7.03 -14.12 -8.67
C PHE A 375 -8.02 -13.44 -9.60
N LEU A 376 -7.95 -13.74 -10.91
CA LEU A 376 -8.70 -12.97 -11.89
C LEU A 376 -10.20 -13.14 -11.68
N ALA A 377 -10.66 -14.37 -11.43
CA ALA A 377 -12.08 -14.58 -11.20
C ALA A 377 -12.56 -13.80 -9.97
N LEU A 378 -11.73 -13.70 -8.93
CA LEU A 378 -12.12 -12.92 -7.76
C LEU A 378 -12.23 -11.44 -8.08
N ALA A 379 -11.32 -10.91 -8.91
CA ALA A 379 -11.41 -9.51 -9.32
C ALA A 379 -12.65 -9.28 -10.20
N ASP A 380 -12.96 -10.23 -11.08
CA ASP A 380 -14.20 -10.13 -11.87
C ASP A 380 -15.42 -10.07 -10.96
N GLN A 381 -15.43 -10.89 -9.91
CA GLN A 381 -16.61 -11.07 -9.07
C GLN A 381 -16.81 -9.92 -8.09
N LEU A 382 -15.74 -9.51 -7.40
CA LEU A 382 -15.83 -8.44 -6.42
C LEU A 382 -15.82 -7.08 -7.07
N GLY A 383 -15.21 -6.94 -8.24
CA GLY A 383 -15.20 -5.68 -8.96
C GLY A 383 -13.99 -4.80 -8.75
N PHE A 384 -12.96 -5.00 -9.56
CA PHE A 384 -11.81 -4.11 -9.58
C PHE A 384 -11.37 -3.92 -11.03
N TYR A 385 -10.99 -2.70 -11.39
CA TYR A 385 -10.32 -2.46 -12.67
C TYR A 385 -8.87 -2.89 -12.52
N VAL A 386 -8.44 -3.86 -13.32
CA VAL A 386 -7.11 -4.47 -13.15
C VAL A 386 -6.17 -4.07 -14.27
N VAL A 387 -4.96 -3.63 -13.90
CA VAL A 387 -3.85 -3.48 -14.83
C VAL A 387 -2.99 -4.73 -14.65
N LEU A 388 -3.03 -5.61 -15.65
CA LEU A 388 -2.40 -6.93 -15.56
C LEU A 388 -1.02 -6.84 -16.19
N GLU A 389 0.01 -6.99 -15.37
CA GLU A 389 1.36 -6.62 -15.74
C GLU A 389 2.24 -7.85 -15.98
N CYS A 390 2.95 -7.85 -17.11
CA CYS A 390 3.89 -8.89 -17.47
C CYS A 390 5.06 -8.93 -16.48
N ASP A 391 5.63 -10.14 -16.33
CA ASP A 391 6.77 -10.41 -15.45
C ASP A 391 8.05 -9.97 -16.17
N LEU A 392 8.37 -8.68 -16.04
CA LEU A 392 9.58 -8.10 -16.66
C LEU A 392 9.99 -6.87 -15.88
N GLU A 393 11.23 -6.86 -15.39
CA GLU A 393 11.79 -5.70 -14.72
C GLU A 393 13.31 -5.82 -14.75
N THR A 394 13.98 -4.81 -15.33
CA THR A 394 15.45 -4.79 -15.51
C THR A 394 16.10 -3.61 -14.79
N HIS A 395 15.44 -3.13 -13.74
CA HIS A 395 15.77 -1.87 -13.07
C HIS A 395 17.25 -1.76 -12.71
N GLY A 396 17.86 -2.88 -12.32
CA GLY A 396 19.25 -2.89 -11.89
C GLY A 396 20.25 -2.54 -12.97
N PHE A 397 19.83 -2.45 -14.23
CA PHE A 397 20.71 -1.95 -15.28
C PHE A 397 20.78 -0.43 -15.34
N GLU A 398 19.89 0.27 -14.66
CA GLU A 398 19.85 1.74 -14.74
C GLU A 398 21.14 2.37 -14.23
N SER A 399 21.76 1.76 -13.20
CA SER A 399 22.97 2.32 -12.58
C SER A 399 24.16 2.39 -13.52
N ALA A 400 24.17 1.58 -14.58
CA ALA A 400 25.19 1.62 -15.61
C ALA A 400 24.70 2.29 -16.89
N GLY A 401 23.73 3.19 -16.76
CA GLY A 401 23.24 3.92 -17.91
C GLY A 401 22.48 3.01 -18.86
N TRP A 402 21.95 1.92 -18.35
CA TRP A 402 21.21 0.92 -19.13
C TRP A 402 22.08 0.13 -20.10
N ALA A 403 23.41 0.20 -19.97
CA ALA A 403 24.28 -0.68 -20.73
C ALA A 403 23.87 -2.13 -20.50
N GLN A 404 23.77 -2.88 -21.59
CA GLN A 404 23.43 -4.30 -21.59
C GLN A 404 21.99 -4.60 -21.21
N ASN A 405 21.13 -3.60 -21.15
CA ASN A 405 19.74 -3.78 -20.78
C ASN A 405 19.07 -4.84 -21.65
N PRO A 406 18.53 -5.90 -21.07
CA PRO A 406 17.83 -6.91 -21.88
C PRO A 406 16.75 -6.35 -22.80
N SER A 407 16.08 -5.28 -22.41
CA SER A 407 14.97 -4.78 -23.20
C SER A 407 15.37 -4.27 -24.57
N ASP A 408 16.66 -3.93 -24.78
CA ASP A 408 17.13 -3.46 -26.08
C ASP A 408 18.16 -4.37 -26.70
N ASP A 409 18.30 -5.59 -26.19
CA ASP A 409 19.33 -6.51 -26.68
C ASP A 409 18.66 -7.57 -27.54
N PRO A 410 18.99 -7.67 -28.82
CA PRO A 410 18.33 -8.68 -29.68
C PRO A 410 18.33 -10.09 -29.14
N GLN A 411 19.34 -10.46 -28.36
CA GLN A 411 19.38 -11.84 -27.88
C GLN A 411 18.20 -12.19 -26.98
N TRP A 412 17.57 -11.18 -26.37
CA TRP A 412 16.47 -11.37 -25.44
C TRP A 412 15.09 -11.25 -26.08
N GLU A 413 15.00 -11.05 -27.39
CA GLU A 413 13.70 -10.78 -28.00
C GLU A 413 12.73 -11.93 -27.78
N ASP A 414 13.14 -13.16 -28.13
CA ASP A 414 12.22 -14.30 -27.98
C ASP A 414 11.79 -14.47 -26.53
N ALA A 415 12.71 -14.31 -25.58
CA ALA A 415 12.38 -14.49 -24.17
C ALA A 415 11.35 -13.45 -23.71
N LEU A 416 11.48 -12.21 -24.15
CA LEU A 416 10.57 -11.16 -23.68
C LEU A 416 9.22 -11.26 -24.36
N VAL A 417 9.20 -11.55 -25.67
CA VAL A 417 7.92 -11.79 -26.34
C VAL A 417 7.20 -12.99 -25.72
N ASP A 418 7.94 -14.05 -25.38
CA ASP A 418 7.32 -15.19 -24.72
C ASP A 418 6.66 -14.78 -23.41
N ARG A 419 7.33 -13.95 -22.61
CA ARG A 419 6.71 -13.49 -21.36
C ARG A 419 5.40 -12.79 -21.63
N MET A 420 5.37 -11.89 -22.60
CA MET A 420 4.14 -11.15 -22.88
C MET A 420 3.05 -12.08 -23.41
N ARG A 421 3.42 -12.99 -24.30
CA ARG A 421 2.46 -13.95 -24.83
C ARG A 421 1.83 -14.77 -23.72
N ARG A 422 2.65 -15.33 -22.82
CA ARG A 422 2.09 -16.15 -21.75
C ARG A 422 1.22 -15.31 -20.83
N THR A 423 1.64 -14.07 -20.54
CA THR A 423 0.84 -13.15 -19.73
C THR A 423 -0.54 -12.94 -20.34
N VAL A 424 -0.58 -12.54 -21.61
CA VAL A 424 -1.85 -12.22 -22.27
C VAL A 424 -2.71 -13.46 -22.41
N GLU A 425 -2.12 -14.56 -22.89
CA GLU A 425 -2.97 -15.73 -23.17
C GLU A 425 -3.62 -16.24 -21.92
N ARG A 426 -2.93 -16.16 -20.77
CA ARG A 426 -3.50 -16.78 -19.57
C ARG A 426 -4.80 -16.10 -19.15
N ASP A 427 -4.83 -14.76 -19.22
CA ASP A 427 -5.83 -13.95 -18.51
C ASP A 427 -6.76 -13.20 -19.44
N LYS A 428 -6.70 -13.47 -20.74
CA LYS A 428 -7.39 -12.66 -21.74
C LYS A 428 -8.92 -12.72 -21.65
N ASN A 429 -9.49 -13.68 -20.94
CA ASN A 429 -10.94 -13.80 -20.90
C ASN A 429 -11.61 -13.00 -19.80
N HIS A 430 -10.84 -12.27 -18.98
CA HIS A 430 -11.38 -11.65 -17.77
C HIS A 430 -11.78 -10.20 -17.96
N ALA A 431 -13.05 -9.91 -17.67
CA ALA A 431 -13.57 -8.55 -17.78
C ALA A 431 -12.79 -7.57 -16.91
N SER A 432 -12.30 -8.03 -15.75
CA SER A 432 -11.62 -7.11 -14.84
C SER A 432 -10.33 -6.56 -15.43
N VAL A 433 -9.69 -7.26 -16.37
CA VAL A 433 -8.44 -6.77 -16.95
C VAL A 433 -8.82 -5.69 -17.96
N VAL A 434 -8.48 -4.44 -17.62
CA VAL A 434 -8.77 -3.32 -18.51
C VAL A 434 -7.54 -2.76 -19.21
N MET A 435 -6.34 -3.14 -18.79
CA MET A 435 -5.12 -2.75 -19.50
CA MET A 435 -5.11 -2.72 -19.45
C MET A 435 -4.09 -3.84 -19.30
N TRP A 436 -3.29 -4.06 -20.33
CA TRP A 436 -2.09 -4.90 -20.26
C TRP A 436 -0.90 -3.98 -20.01
N SER A 437 -0.02 -4.36 -19.10
CA SER A 437 1.23 -3.63 -18.88
C SER A 437 2.42 -4.48 -19.31
N LEU A 438 3.36 -3.85 -20.01
CA LEU A 438 4.52 -4.58 -20.56
C LEU A 438 5.52 -5.02 -19.49
N GLY A 439 5.51 -4.40 -18.33
CA GLY A 439 6.48 -4.65 -17.28
C GLY A 439 6.69 -3.38 -16.47
N ASN A 440 7.82 -3.31 -15.78
CA ASN A 440 8.09 -2.19 -14.87
C ASN A 440 9.57 -1.91 -14.84
N GLN A 441 9.93 -0.62 -14.94
N GLN A 441 9.91 -0.62 -14.99
CA GLN A 441 11.31 -0.20 -14.78
CA GLN A 441 11.26 -0.11 -14.86
C GLN A 441 12.25 -1.07 -15.60
C GLN A 441 12.25 -0.99 -15.60
N ALA A 442 11.96 -1.15 -16.89
CA ALA A 442 12.75 -1.97 -17.80
C ALA A 442 13.43 -1.11 -18.86
N GLY A 443 13.49 0.20 -18.64
CA GLY A 443 14.13 1.09 -19.60
C GLY A 443 13.32 1.18 -20.88
N THR A 444 14.01 1.46 -21.99
CA THR A 444 13.38 1.48 -23.29
C THR A 444 14.11 0.52 -24.21
N GLY A 445 13.44 0.06 -25.25
CA GLY A 445 14.18 -0.75 -26.19
C GLY A 445 13.30 -1.52 -27.16
N ARG A 446 13.99 -2.11 -28.14
CA ARG A 446 13.33 -2.76 -29.26
C ARG A 446 12.46 -3.93 -28.81
N ASN A 447 12.82 -4.60 -27.72
CA ASN A 447 12.04 -5.76 -27.32
C ASN A 447 10.73 -5.36 -26.63
N LEU A 448 10.72 -4.22 -25.92
CA LEU A 448 9.48 -3.71 -25.39
C LEU A 448 8.53 -3.34 -26.53
N ALA A 449 9.08 -2.74 -27.58
CA ALA A 449 8.27 -2.43 -28.76
C ALA A 449 7.71 -3.70 -29.37
N ALA A 450 8.52 -4.76 -29.45
CA ALA A 450 8.02 -6.02 -29.99
C ALA A 450 6.89 -6.59 -29.13
N MET A 451 7.03 -6.51 -27.80
CA MET A 451 5.98 -7.00 -26.92
C MET A 451 4.69 -6.22 -27.13
N SER A 452 4.80 -4.91 -27.28
CA SER A 452 3.62 -4.09 -27.51
C SER A 452 2.95 -4.45 -28.84
N ARG A 453 3.73 -4.56 -29.90
CA ARG A 453 3.19 -4.92 -31.21
CA ARG A 453 3.16 -4.90 -31.20
C ARG A 453 2.46 -6.25 -31.16
N TRP A 454 3.07 -7.25 -30.51
CA TRP A 454 2.44 -8.56 -30.40
C TRP A 454 1.09 -8.46 -29.70
N THR A 455 1.04 -7.67 -28.62
CA THR A 455 -0.17 -7.60 -27.81
C THR A 455 -1.28 -6.86 -28.55
N LYS A 456 -0.94 -5.77 -29.24
CA LYS A 456 -1.95 -5.01 -29.96
C LYS A 456 -2.56 -5.86 -31.08
N ASP A 457 -1.75 -6.70 -31.70
CA ASP A 457 -2.24 -7.59 -32.75
C ASP A 457 -3.13 -8.69 -32.16
N ARG A 458 -2.73 -9.25 -31.03
CA ARG A 458 -3.47 -10.38 -30.45
C ARG A 458 -4.76 -9.93 -29.80
N ASP A 459 -4.74 -8.80 -29.09
CA ASP A 459 -5.88 -8.36 -28.27
C ASP A 459 -6.01 -6.85 -28.35
N PRO A 460 -6.63 -6.34 -29.41
CA PRO A 460 -6.85 -4.91 -29.50
C PRO A 460 -7.93 -4.38 -28.55
N SER A 461 -8.58 -5.24 -27.76
CA SER A 461 -9.65 -4.79 -26.88
C SER A 461 -9.16 -4.05 -25.64
N ARG A 462 -7.86 -4.10 -25.33
CA ARG A 462 -7.34 -3.55 -24.10
C ARG A 462 -6.18 -2.61 -24.37
N PRO A 463 -6.21 -1.39 -23.84
CA PRO A 463 -5.06 -0.48 -24.01
C PRO A 463 -3.80 -1.02 -23.36
N ILE A 464 -2.65 -0.58 -23.88
CA ILE A 464 -1.33 -1.00 -23.42
C ILE A 464 -0.72 0.09 -22.55
N HIS A 465 -0.13 -0.33 -21.42
CA HIS A 465 0.51 0.51 -20.42
C HIS A 465 1.98 0.15 -20.30
N TYR A 466 2.84 1.17 -20.22
CA TYR A 466 4.24 0.95 -19.84
C TYR A 466 4.85 2.30 -19.48
N GLU A 467 5.31 2.47 -18.23
CA GLU A 467 5.82 3.76 -17.80
C GLU A 467 7.26 4.04 -18.22
N GLY A 468 8.04 3.00 -18.54
CA GLY A 468 9.48 3.21 -18.72
C GLY A 468 9.89 4.13 -19.86
N ASP A 469 9.08 4.23 -20.91
CA ASP A 469 9.38 5.08 -22.05
C ASP A 469 8.46 6.30 -22.00
N TRP A 470 8.98 7.42 -21.50
CA TRP A 470 8.11 8.57 -21.31
C TRP A 470 7.57 9.13 -22.62
N SER A 471 8.24 8.90 -23.76
CA SER A 471 7.71 9.37 -25.02
C SER A 471 6.41 8.69 -25.39
N SER A 472 6.12 7.55 -24.77
CA SER A 472 4.84 6.84 -24.93
C SER A 472 4.61 6.37 -26.35
N GLU A 473 5.68 6.13 -27.09
CA GLU A 473 5.56 5.79 -28.51
C GLU A 473 4.79 4.49 -28.76
N HIS A 474 4.89 3.53 -27.86
CA HIS A 474 4.36 2.18 -28.07
C HIS A 474 3.25 1.80 -27.08
N VAL A 475 2.58 2.80 -26.50
CA VAL A 475 1.55 2.55 -25.50
C VAL A 475 0.35 3.42 -25.85
N ASP A 476 -0.74 3.24 -25.10
CA ASP A 476 -2.00 3.92 -25.35
C ASP A 476 -2.40 4.92 -24.28
N VAL A 477 -1.74 4.89 -23.12
CA VAL A 477 -1.92 5.87 -22.05
C VAL A 477 -0.56 6.40 -21.66
N TYR A 478 -0.53 7.62 -21.12
CA TYR A 478 0.70 8.21 -20.59
C TYR A 478 0.76 7.87 -19.11
N SER A 479 1.78 7.13 -18.71
CA SER A 479 1.91 6.67 -17.33
C SER A 479 3.19 7.23 -16.70
N ARG A 480 3.07 7.67 -15.44
CA ARG A 480 4.24 8.09 -14.67
C ARG A 480 4.15 7.50 -13.27
N MET A 481 5.27 7.57 -12.54
N MET A 481 5.29 7.55 -12.59
CA MET A 481 5.28 7.13 -11.15
CA MET A 481 5.42 7.18 -11.18
C MET A 481 5.91 8.24 -10.30
C MET A 481 5.86 8.41 -10.39
N TYR A 482 5.15 8.70 -9.32
CA TYR A 482 5.60 9.70 -8.34
C TYR A 482 5.80 11.08 -8.96
N ALA A 483 5.17 11.37 -10.10
CA ALA A 483 5.17 12.76 -10.55
C ALA A 483 4.56 13.63 -9.47
N SER A 484 5.13 14.81 -9.28
CA SER A 484 4.66 15.68 -8.22
C SER A 484 3.22 16.12 -8.48
N GLN A 485 2.56 16.56 -7.40
CA GLN A 485 1.24 17.17 -7.54
C GLN A 485 1.29 18.32 -8.53
N ALA A 486 2.36 19.12 -8.50
CA ALA A 486 2.49 20.24 -9.43
C ALA A 486 2.54 19.76 -10.88
N GLU A 487 3.38 18.77 -11.16
CA GLU A 487 3.47 18.30 -12.54
C GLU A 487 2.18 17.62 -12.98
N THR A 488 1.52 16.93 -12.05
CA THR A 488 0.25 16.30 -12.36
C THR A 488 -0.81 17.34 -12.74
N ALA A 489 -0.79 18.50 -12.08
CA ALA A 489 -1.73 19.56 -12.44
C ALA A 489 -1.48 20.09 -13.85
N LEU A 490 -0.21 20.19 -14.25
CA LEU A 490 0.11 20.64 -15.61
C LEU A 490 -0.40 19.63 -16.63
N ILE A 491 -0.13 18.35 -16.38
CA ILE A 491 -0.59 17.29 -17.28
C ILE A 491 -2.11 17.27 -17.34
N GLY A 492 -2.76 17.44 -16.18
CA GLY A 492 -4.21 17.47 -16.17
C GLY A 492 -4.78 18.54 -17.07
N GLN A 493 -4.09 19.66 -17.21
CA GLN A 493 -4.55 20.76 -18.01
C GLN A 493 -4.05 20.70 -19.44
N GLY A 494 -3.22 19.71 -19.77
CA GLY A 494 -2.70 19.55 -21.12
C GLY A 494 -1.59 20.52 -21.48
N ILE A 495 -0.85 21.01 -20.48
CA ILE A 495 0.10 22.10 -20.69
C ILE A 495 1.53 21.71 -20.27
N GLU A 496 1.82 20.42 -20.19
CA GLU A 496 3.16 19.97 -19.85
C GLU A 496 4.13 20.30 -20.99
N PRO A 497 5.44 20.34 -20.70
CA PRO A 497 6.41 20.63 -21.76
C PRO A 497 6.31 19.58 -22.87
N ALA A 498 6.57 20.01 -24.08
CA ALA A 498 6.41 19.15 -25.24
C ALA A 498 7.61 18.23 -25.42
N LEU A 499 7.33 17.04 -25.93
CA LEU A 499 8.39 16.17 -26.44
C LEU A 499 9.05 16.83 -27.63
N ASN A 500 10.30 16.47 -27.89
CA ASN A 500 11.03 17.07 -29.00
C ASN A 500 10.42 16.71 -30.34
N ASP A 501 9.94 15.47 -30.47
CA ASP A 501 9.30 15.01 -31.69
C ASP A 501 7.84 15.46 -31.68
N ALA A 502 7.49 16.34 -32.62
CA ALA A 502 6.15 16.95 -32.60
C ALA A 502 5.06 15.92 -32.80
N ALA A 503 5.31 14.88 -33.60
CA ALA A 503 4.32 13.85 -33.82
C ALA A 503 4.10 13.03 -32.56
N LEU A 504 5.18 12.68 -31.86
CA LEU A 504 5.00 11.98 -30.59
C LEU A 504 4.36 12.88 -29.55
N ASP A 505 4.68 14.18 -29.56
CA ASP A 505 4.03 15.04 -28.59
C ASP A 505 2.53 15.11 -28.82
N ALA A 506 2.11 15.25 -30.07
CA ALA A 506 0.69 15.32 -30.38
C ALA A 506 -0.04 14.06 -29.92
N ARG A 507 0.59 12.89 -30.13
CA ARG A 507 0.02 11.63 -29.68
C ARG A 507 -0.11 11.60 -28.16
N ARG A 508 0.97 11.97 -27.46
CA ARG A 508 0.96 11.83 -26.00
C ARG A 508 0.03 12.84 -25.37
N ARG A 509 -0.03 14.05 -25.92
CA ARG A 509 -0.84 15.09 -25.30
C ARG A 509 -2.32 14.73 -25.39
N ALA A 510 -2.68 13.85 -26.32
CA ALA A 510 -4.03 13.36 -26.51
C ALA A 510 -4.30 12.04 -25.79
N MET A 511 -3.36 11.57 -24.99
CA MET A 511 -3.54 10.38 -24.15
C MET A 511 -4.01 10.76 -22.76
N PRO A 512 -4.86 9.95 -22.17
CA PRO A 512 -5.13 10.07 -20.74
C PRO A 512 -3.90 9.66 -19.93
N PHE A 513 -3.86 10.14 -18.69
CA PHE A 513 -2.68 10.07 -17.84
C PHE A 513 -2.98 9.32 -16.56
N VAL A 514 -2.13 8.35 -16.22
CA VAL A 514 -2.28 7.58 -15.00
C VAL A 514 -0.99 7.64 -14.20
N LEU A 515 -1.12 7.72 -12.87
CA LEU A 515 0.00 7.49 -11.95
C LEU A 515 -0.03 6.01 -11.59
N CYS A 516 0.84 5.22 -12.22
CA CYS A 516 0.89 3.79 -11.91
C CYS A 516 1.44 3.53 -10.54
N GLU A 517 2.18 4.48 -9.97
CA GLU A 517 2.62 4.45 -8.57
C GLU A 517 2.64 5.89 -8.07
N TYR A 518 2.08 6.13 -6.87
CA TYR A 518 2.14 7.46 -6.26
C TYR A 518 1.93 7.31 -4.75
N VAL A 519 2.09 8.42 -4.04
CA VAL A 519 1.98 8.53 -2.58
C VAL A 519 2.57 7.32 -1.87
N HIS A 520 3.88 7.15 -2.06
CA HIS A 520 4.62 6.04 -1.48
C HIS A 520 4.32 5.95 0.00
N ALA A 521 3.82 4.78 0.43
CA ALA A 521 3.12 4.61 1.71
C ALA A 521 4.02 4.04 2.80
N MET A 522 5.29 4.39 2.77
CA MET A 522 6.24 3.82 3.71
C MET A 522 6.22 4.56 5.04
N GLY A 523 6.02 3.81 6.12
CA GLY A 523 6.09 4.37 7.46
C GLY A 523 4.98 5.38 7.69
N ASN A 524 5.32 6.41 8.47
CA ASN A 524 4.36 7.43 8.84
C ASN A 524 4.06 8.26 7.60
N GLY A 525 2.83 8.17 7.10
CA GLY A 525 2.44 8.77 5.85
C GLY A 525 1.40 7.90 5.19
N PRO A 526 1.11 8.14 3.90
CA PRO A 526 1.71 9.16 3.04
C PRO A 526 1.02 10.51 3.19
N GLY A 527 1.81 11.59 3.21
CA GLY A 527 1.26 12.93 3.15
C GLY A 527 0.97 13.34 1.71
N GLY A 528 0.16 14.39 1.56
CA GLY A 528 -0.10 14.98 0.25
C GLY A 528 -1.10 14.23 -0.63
N MET A 529 -1.85 13.28 -0.09
CA MET A 529 -2.83 12.55 -0.87
C MET A 529 -3.99 13.44 -1.33
N SER A 530 -4.37 14.42 -0.52
CA SER A 530 -5.54 15.22 -0.87
C SER A 530 -5.26 16.08 -2.10
N GLU A 531 -4.03 16.59 -2.22
CA GLU A 531 -3.69 17.46 -3.33
C GLU A 531 -3.72 16.71 -4.66
N TYR A 532 -3.31 15.44 -4.67
CA TYR A 532 -3.48 14.63 -5.88
C TYR A 532 -4.96 14.40 -6.16
N GLN A 533 -5.73 14.04 -5.13
CA GLN A 533 -7.12 13.65 -5.34
C GLN A 533 -7.94 14.80 -5.93
N ALA A 534 -7.70 16.03 -5.45
CA ALA A 534 -8.42 17.16 -6.00
C ALA A 534 -8.19 17.31 -7.50
N LEU A 535 -6.97 17.02 -7.94
CA LEU A 535 -6.65 17.09 -9.37
C LEU A 535 -7.35 15.98 -10.12
N PHE A 536 -7.27 14.74 -9.62
CA PHE A 536 -7.91 13.62 -10.30
C PHE A 536 -9.38 13.89 -10.55
N GLU A 537 -10.04 14.49 -9.57
CA GLU A 537 -11.47 14.71 -9.66
C GLU A 537 -11.81 15.92 -10.53
N LYS A 538 -10.90 16.84 -10.73
CA LYS A 538 -11.15 18.06 -11.50
C LYS A 538 -10.88 17.89 -12.99
N TYR A 539 -9.85 17.11 -13.36
CA TYR A 539 -9.37 17.10 -14.75
C TYR A 539 -9.69 15.78 -15.43
N PRO A 540 -10.52 15.78 -16.47
CA PRO A 540 -10.85 14.53 -17.19
C PRO A 540 -9.65 13.73 -17.70
N ARG A 541 -8.56 14.38 -18.09
CA ARG A 541 -7.41 13.63 -18.60
C ARG A 541 -6.77 12.78 -17.51
N LEU A 542 -6.92 13.15 -16.24
CA LEU A 542 -6.32 12.39 -15.16
C LEU A 542 -7.19 11.19 -14.82
N MET A 543 -6.63 10.00 -15.03
CA MET A 543 -7.34 8.74 -14.81
C MET A 543 -7.38 8.34 -13.36
N GLY A 544 -6.51 8.92 -12.52
CA GLY A 544 -6.33 8.48 -11.15
C GLY A 544 -4.94 7.91 -10.90
N GLY A 545 -4.85 7.07 -9.88
CA GLY A 545 -3.54 6.61 -9.45
C GLY A 545 -3.63 5.36 -8.60
N PHE A 546 -2.51 4.65 -8.55
CA PHE A 546 -2.35 3.43 -7.76
C PHE A 546 -1.29 3.66 -6.69
N VAL A 547 -1.69 3.57 -5.42
CA VAL A 547 -0.74 3.78 -4.33
C VAL A 547 0.34 2.72 -4.38
N TRP A 548 1.57 3.15 -4.07
CA TRP A 548 2.69 2.22 -3.83
C TRP A 548 2.84 2.12 -2.30
N GLU A 549 2.49 0.98 -1.71
CA GLU A 549 1.85 -0.20 -2.29
C GLU A 549 0.85 -0.73 -1.25
N TRP A 550 0.07 -1.73 -1.68
CA TRP A 550 -0.92 -2.35 -0.79
C TRP A 550 -0.29 -2.84 0.51
N LEU A 551 0.73 -3.70 0.43
CA LEU A 551 1.21 -4.39 1.62
C LEU A 551 2.69 -4.18 1.87
N GLU A 552 3.03 -4.21 3.16
CA GLU A 552 4.41 -4.35 3.60
C GLU A 552 4.82 -5.79 3.44
N HIS A 553 6.01 -6.03 2.91
CA HIS A 553 6.50 -7.41 2.80
C HIS A 553 7.26 -7.83 4.05
N GLY A 554 6.74 -7.55 5.24
CA GLY A 554 7.41 -8.04 6.43
C GLY A 554 7.42 -9.56 6.45
N ILE A 555 8.49 -10.11 7.04
CA ILE A 555 8.63 -11.55 7.26
C ILE A 555 8.69 -11.80 8.76
N THR A 556 7.81 -12.66 9.25
CA THR A 556 7.77 -12.96 10.67
C THR A 556 9.06 -13.63 11.12
N VAL A 557 9.68 -13.06 12.17
CA VAL A 557 10.86 -13.61 12.82
C VAL A 557 10.65 -13.48 14.32
N SER A 558 11.57 -14.03 15.11
CA SER A 558 11.46 -13.96 16.56
C SER A 558 12.81 -13.58 17.16
N THR A 559 12.76 -12.84 18.27
CA THR A 559 13.98 -12.54 19.00
C THR A 559 14.47 -13.79 19.72
N ALA A 560 15.65 -13.67 20.35
CA ALA A 560 16.19 -14.77 21.14
C ALA A 560 15.27 -15.15 22.30
N ASP A 561 14.38 -14.24 22.71
CA ASP A 561 13.43 -14.50 23.79
C ASP A 561 12.05 -14.89 23.29
N GLY A 562 11.90 -15.14 21.99
CA GLY A 562 10.65 -15.60 21.45
C GLY A 562 9.63 -14.53 21.16
N VAL A 563 10.06 -13.28 20.99
CA VAL A 563 9.15 -12.18 20.70
C VAL A 563 9.02 -12.04 19.18
N ASP A 564 7.81 -12.27 18.66
CA ASP A 564 7.60 -12.21 17.22
C ASP A 564 7.59 -10.77 16.76
N HIS A 565 8.16 -10.53 15.59
CA HIS A 565 8.09 -9.22 14.95
C HIS A 565 8.38 -9.42 13.47
N TYR A 566 8.21 -8.37 12.68
CA TYR A 566 8.52 -8.46 11.26
C TYR A 566 9.98 -8.10 11.03
N GLY A 567 10.63 -8.85 10.13
CA GLY A 567 11.95 -8.55 9.65
C GLY A 567 11.88 -7.93 8.27
N TYR A 568 12.98 -7.28 7.90
CA TYR A 568 13.12 -6.63 6.60
C TYR A 568 14.53 -6.88 6.09
N GLY A 569 14.91 -6.16 5.03
CA GLY A 569 16.21 -6.34 4.43
C GLY A 569 17.34 -6.23 5.43
N GLY A 570 18.29 -7.16 5.33
CA GLY A 570 19.42 -7.19 6.22
C GLY A 570 19.21 -8.03 7.46
N ASP A 571 17.98 -8.34 7.78
CA ASP A 571 17.68 -9.19 8.93
C ASP A 571 17.96 -10.66 8.65
N PHE A 572 18.31 -11.01 7.41
CA PHE A 572 18.57 -12.39 7.05
C PHE A 572 20.00 -12.59 6.56
N GLY A 573 20.91 -11.72 6.98
CA GLY A 573 22.32 -11.87 6.68
C GLY A 573 22.74 -11.44 5.29
N GLU A 574 21.89 -10.72 4.57
CA GLU A 574 22.23 -10.32 3.21
C GLU A 574 23.49 -9.48 3.18
N GLU A 575 24.31 -9.74 2.16
CA GLU A 575 25.49 -8.92 1.90
C GLU A 575 25.10 -7.57 1.34
N VAL A 576 24.21 -7.54 0.36
CA VAL A 576 23.60 -6.31 -0.12
C VAL A 576 22.09 -6.40 0.04
N HIS A 577 21.48 -5.29 0.45
CA HIS A 577 20.04 -5.27 0.70
C HIS A 577 19.62 -3.81 0.80
N ASP A 578 18.31 -3.59 0.93
CA ASP A 578 17.77 -2.24 1.00
C ASP A 578 16.90 -2.05 2.23
N GLY A 579 17.20 -2.78 3.29
CA GLY A 579 16.65 -2.45 4.58
C GLY A 579 15.14 -2.51 4.57
N ASN A 580 14.51 -1.49 5.15
CA ASN A 580 13.07 -1.53 5.33
C ASN A 580 12.30 -0.95 4.16
N PHE A 581 12.93 -0.78 3.01
CA PHE A 581 12.18 -0.35 1.85
C PHE A 581 11.20 -1.40 1.36
N VAL A 582 11.27 -2.63 1.87
CA VAL A 582 10.25 -3.62 1.52
C VAL A 582 9.04 -3.51 2.44
N THR A 583 9.12 -2.74 3.53
CA THR A 583 7.96 -2.49 4.40
C THR A 583 7.47 -1.07 4.11
N ASP A 584 6.63 -0.94 3.07
CA ASP A 584 6.26 0.35 2.46
C ASP A 584 4.79 0.36 2.03
N GLY A 585 3.93 -0.26 2.84
CA GLY A 585 2.55 -0.52 2.45
C GLY A 585 1.51 0.17 3.31
N LEU A 586 0.28 0.13 2.79
CA LEU A 586 -0.92 0.60 3.48
C LEU A 586 -1.40 -0.37 4.56
N VAL A 587 -1.04 -1.65 4.45
CA VAL A 587 -1.32 -2.65 5.47
C VAL A 587 -0.04 -3.40 5.78
N ASP A 588 0.04 -3.97 6.99
CA ASP A 588 1.17 -4.83 7.33
C ASP A 588 1.02 -6.19 6.63
N ALA A 589 2.03 -7.03 6.79
CA ALA A 589 2.02 -8.29 6.03
C ALA A 589 0.90 -9.22 6.48
N ASP A 590 0.35 -9.02 7.68
CA ASP A 590 -0.84 -9.73 8.11
C ASP A 590 -2.13 -8.99 7.79
N ARG A 591 -2.06 -7.99 6.91
CA ARG A 591 -3.23 -7.24 6.43
C ARG A 591 -3.91 -6.41 7.53
N ARG A 592 -3.17 -6.05 8.58
CA ARG A 592 -3.65 -5.06 9.54
C ARG A 592 -3.45 -3.65 8.97
N PRO A 593 -4.48 -2.82 8.91
CA PRO A 593 -4.30 -1.48 8.33
C PRO A 593 -3.27 -0.63 9.09
N ARG A 594 -2.47 0.09 8.30
CA ARG A 594 -1.73 1.23 8.79
C ARG A 594 -2.63 2.47 8.73
N PRO A 595 -2.29 3.51 9.49
CA PRO A 595 -3.12 4.74 9.43
C PRO A 595 -3.28 5.27 8.02
N GLY A 596 -2.27 5.10 7.18
CA GLY A 596 -2.37 5.56 5.79
C GLY A 596 -3.55 4.98 5.04
N LEU A 597 -3.91 3.74 5.33
CA LEU A 597 -5.07 3.14 4.66
C LEU A 597 -6.36 3.81 5.11
N LEU A 598 -6.46 4.12 6.41
CA LEU A 598 -7.66 4.77 6.91
C LEU A 598 -7.80 6.16 6.31
N ASP A 599 -6.67 6.86 6.12
CA ASP A 599 -6.74 8.16 5.46
C ASP A 599 -7.06 8.02 3.98
N PHE A 600 -6.43 7.05 3.30
CA PHE A 600 -6.67 6.84 1.87
C PHE A 600 -8.15 6.57 1.60
N LYS A 601 -8.79 5.73 2.41
CA LYS A 601 -10.22 5.43 2.25
C LYS A 601 -11.03 6.71 2.19
N LYS A 602 -10.74 7.65 3.09
CA LYS A 602 -11.46 8.91 3.13
C LYS A 602 -11.13 9.77 1.91
N VAL A 603 -9.85 9.87 1.56
CA VAL A 603 -9.43 10.69 0.44
C VAL A 603 -10.17 10.29 -0.83
N ILE A 604 -10.32 8.98 -1.07
CA ILE A 604 -10.92 8.47 -2.31
C ILE A 604 -12.42 8.20 -2.18
N GLU A 605 -13.05 8.61 -1.10
CA GLU A 605 -14.44 8.21 -0.90
C GLU A 605 -15.29 8.64 -2.11
N PRO A 606 -16.19 7.78 -2.59
CA PRO A 606 -16.87 8.05 -3.85
C PRO A 606 -18.12 8.91 -3.73
N LEU A 607 -18.47 9.35 -2.53
CA LEU A 607 -19.52 10.34 -2.33
C LEU A 607 -18.92 11.46 -1.52
N ARG A 608 -19.35 12.70 -1.79
CA ARG A 608 -18.90 13.85 -1.02
C ARG A 608 -20.09 14.41 -0.29
N ILE A 609 -19.96 14.52 1.03
CA ILE A 609 -21.01 14.98 1.94
C ILE A 609 -20.49 16.25 2.59
N ASP A 610 -21.12 17.38 2.27
CA ASP A 610 -20.73 18.68 2.81
C ASP A 610 -21.85 19.18 3.71
N VAL A 611 -21.63 19.12 5.03
CA VAL A 611 -22.66 19.44 6.01
C VAL A 611 -22.72 20.95 6.21
N ALA A 612 -23.94 21.49 6.18
CA ALA A 612 -24.15 22.92 6.35
C ALA A 612 -23.75 23.36 7.75
N ARG A 613 -23.15 24.55 7.84
CA ARG A 613 -22.74 25.11 9.13
C ARG A 613 -23.92 25.23 10.10
N ASP A 614 -25.11 25.52 9.59
CA ASP A 614 -26.27 25.72 10.47
C ASP A 614 -27.00 24.42 10.78
N TRP A 615 -26.46 23.28 10.33
CA TRP A 615 -26.99 21.96 10.61
C TRP A 615 -28.37 21.72 10.03
N THR A 616 -28.75 22.47 8.99
CA THR A 616 -30.05 22.31 8.38
C THR A 616 -30.07 21.27 7.26
N GLY A 617 -28.91 20.83 6.80
CA GLY A 617 -28.86 19.87 5.71
C GLY A 617 -27.43 19.65 5.27
N PHE A 618 -27.30 18.94 4.13
CA PHE A 618 -25.99 18.70 3.55
C PHE A 618 -26.11 18.64 2.04
N THR A 619 -25.02 19.00 1.37
CA THR A 619 -24.89 18.76 -0.05
C THR A 619 -24.28 17.39 -0.27
N LEU A 620 -24.79 16.66 -1.26
CA LEU A 620 -24.32 15.31 -1.56
C LEU A 620 -23.94 15.25 -3.03
N ARG A 621 -22.69 14.89 -3.30
CA ARG A 621 -22.25 14.68 -4.67
C ARG A 621 -21.97 13.19 -4.83
N ASN A 622 -22.56 12.60 -5.86
CA ASN A 622 -22.27 11.21 -6.19
C ASN A 622 -21.09 11.18 -7.16
N GLY A 623 -19.92 10.78 -6.66
CA GLY A 623 -18.72 10.69 -7.46
C GLY A 623 -18.50 9.36 -8.15
N GLN A 624 -19.46 8.44 -8.07
CA GLN A 624 -19.38 7.19 -8.83
C GLN A 624 -19.57 7.48 -10.31
N ASP A 625 -19.15 6.52 -11.13
CA ASP A 625 -19.24 6.67 -12.58
C ASP A 625 -20.46 6.00 -13.18
N PHE A 626 -21.00 4.96 -12.56
CA PHE A 626 -22.13 4.22 -13.12
C PHE A 626 -23.30 4.09 -12.15
N ALA A 627 -23.05 3.89 -10.87
CA ALA A 627 -24.11 3.62 -9.92
C ALA A 627 -24.68 4.90 -9.34
N ASP A 628 -25.98 4.88 -9.07
CA ASP A 628 -26.62 5.94 -8.28
C ASP A 628 -26.37 5.70 -6.80
N THR A 629 -27.05 6.45 -5.92
CA THR A 629 -26.85 6.32 -4.48
C THR A 629 -27.86 5.38 -3.80
N SER A 630 -28.62 4.61 -4.57
CA SER A 630 -29.67 3.77 -3.96
C SER A 630 -29.10 2.69 -3.05
N ALA A 631 -27.83 2.31 -3.19
CA ALA A 631 -27.27 1.28 -2.32
C ALA A 631 -27.02 1.76 -0.89
N PHE A 632 -27.07 3.06 -0.63
CA PHE A 632 -26.67 3.61 0.64
C PHE A 632 -27.86 3.99 1.50
N SER A 633 -27.66 3.87 2.81
CA SER A 633 -28.51 4.47 3.82
C SER A 633 -27.77 5.68 4.39
N PHE A 634 -28.46 6.81 4.48
CA PHE A 634 -27.85 8.04 4.96
C PHE A 634 -28.27 8.28 6.40
N ARG A 635 -27.29 8.32 7.29
CA ARG A 635 -27.51 8.41 8.73
C ARG A 635 -26.89 9.69 9.25
N TYR A 636 -27.49 10.24 10.30
CA TYR A 636 -26.94 11.40 10.96
C TYR A 636 -26.84 11.12 12.45
N GLU A 637 -25.90 11.79 13.10
CA GLU A 637 -25.79 11.71 14.54
C GLU A 637 -25.23 13.03 15.06
N VAL A 638 -25.79 13.50 16.17
CA VAL A 638 -25.30 14.66 16.90
C VAL A 638 -24.72 14.14 18.21
N GLU A 639 -23.45 14.46 18.48
CA GLU A 639 -22.82 14.07 19.72
C GLU A 639 -22.33 15.29 20.47
N ALA A 640 -22.46 15.24 21.79
CA ALA A 640 -21.88 16.23 22.69
C ALA A 640 -21.08 15.52 23.77
N ASP A 641 -20.53 16.29 24.70
CA ASP A 641 -19.64 15.70 25.71
C ASP A 641 -20.31 14.55 26.45
N GLY A 642 -21.62 14.67 26.69
CA GLY A 642 -22.37 13.65 27.41
C GLY A 642 -22.76 12.44 26.60
N GLY A 643 -22.60 12.48 25.28
CA GLY A 643 -22.94 11.37 24.40
C GLY A 643 -23.84 11.83 23.28
N ALA A 644 -24.46 10.87 22.61
CA ALA A 644 -25.31 11.18 21.46
C ALA A 644 -26.58 11.86 21.90
N LEU A 645 -26.86 13.02 21.33
CA LEU A 645 -28.10 13.74 21.61
C LEU A 645 -29.22 13.42 20.65
N ASP A 646 -28.90 12.96 19.45
CA ASP A 646 -29.94 12.71 18.47
C ASP A 646 -29.29 11.95 17.33
N GLY A 647 -30.12 11.26 16.56
CA GLY A 647 -29.62 10.56 15.38
C GLY A 647 -30.77 9.90 14.66
N GLY A 648 -30.47 9.38 13.48
CA GLY A 648 -31.51 8.74 12.68
C GLY A 648 -31.07 8.61 11.24
N THR A 649 -32.05 8.41 10.37
CA THR A 649 -31.81 8.26 8.94
C THR A 649 -32.60 9.32 8.19
N VAL A 650 -32.13 9.64 6.99
CA VAL A 650 -32.83 10.58 6.11
C VAL A 650 -32.97 9.91 4.75
N ASP A 651 -34.14 10.08 4.14
CA ASP A 651 -34.45 9.50 2.84
C ASP A 651 -33.91 10.41 1.74
N VAL A 652 -33.02 9.88 0.90
CA VAL A 652 -32.37 10.63 -0.16
C VAL A 652 -32.78 10.02 -1.49
N ALA A 653 -33.49 10.80 -2.33
CA ALA A 653 -33.84 10.30 -3.65
C ALA A 653 -32.55 9.98 -4.40
N PRO A 654 -32.45 8.85 -5.09
CA PRO A 654 -31.16 8.45 -5.67
C PRO A 654 -30.56 9.49 -6.60
N VAL A 655 -29.30 9.78 -6.34
CA VAL A 655 -28.54 10.78 -7.08
C VAL A 655 -27.77 10.07 -8.18
N ALA A 656 -27.89 10.60 -9.40
CA ALA A 656 -27.22 10.00 -10.54
C ALA A 656 -25.70 10.15 -10.41
N PRO A 657 -24.95 9.26 -11.05
CA PRO A 657 -23.50 9.42 -11.12
C PRO A 657 -23.14 10.80 -11.63
N GLN A 658 -22.12 11.40 -11.00
CA GLN A 658 -21.59 12.70 -11.36
C GLN A 658 -22.59 13.83 -11.15
N SER A 659 -23.58 13.63 -10.31
CA SER A 659 -24.56 14.66 -10.01
C SER A 659 -24.54 14.98 -8.53
N GLU A 660 -25.27 16.02 -8.16
CA GLU A 660 -25.33 16.43 -6.77
C GLU A 660 -26.71 16.94 -6.42
N THR A 661 -26.97 16.99 -5.13
CA THR A 661 -28.27 17.45 -4.64
C THR A 661 -28.05 18.04 -3.25
N VAL A 662 -29.07 18.72 -2.74
CA VAL A 662 -29.10 19.21 -1.38
C VAL A 662 -30.16 18.41 -0.63
N VAL A 663 -29.82 17.98 0.58
CA VAL A 663 -30.67 17.13 1.40
C VAL A 663 -30.90 17.88 2.70
N GLU A 664 -32.17 18.09 3.05
CA GLU A 664 -32.50 18.69 4.33
C GLU A 664 -32.46 17.63 5.42
N LEU A 665 -31.93 18.00 6.57
CA LEU A 665 -31.92 17.15 7.74
C LEU A 665 -33.14 17.43 8.60
N PRO A 666 -33.55 16.47 9.44
CA PRO A 666 -34.73 16.70 10.28
C PRO A 666 -34.54 17.92 11.14
N GLY A 667 -35.65 18.61 11.42
CA GLY A 667 -35.57 19.84 12.17
C GLY A 667 -35.01 19.69 13.58
N SER A 668 -35.08 18.50 14.16
CA SER A 668 -34.54 18.34 15.51
C SER A 668 -33.04 18.61 15.54
N VAL A 669 -32.35 18.37 14.43
CA VAL A 669 -30.91 18.59 14.38
C VAL A 669 -30.58 20.09 14.47
N ALA A 670 -31.19 20.88 13.60
CA ALA A 670 -30.96 22.32 13.68
C ALA A 670 -31.45 22.88 15.00
N ALA A 671 -32.54 22.34 15.55
CA ALA A 671 -33.04 22.82 16.83
C ALA A 671 -31.99 22.63 17.92
N LEU A 672 -31.25 21.52 17.88
CA LEU A 672 -30.17 21.33 18.84
C LEU A 672 -29.08 22.37 18.64
N ALA A 673 -28.61 22.53 17.41
CA ALA A 673 -27.58 23.53 17.13
C ALA A 673 -27.99 24.88 17.69
N ALA A 674 -29.23 25.30 17.41
CA ALA A 674 -29.72 26.58 17.92
C ALA A 674 -29.70 26.62 19.43
N GLY A 675 -30.08 25.52 20.08
CA GLY A 675 -30.17 25.50 21.53
C GLY A 675 -28.85 25.43 22.26
N LEU A 676 -27.80 24.97 21.59
CA LEU A 676 -26.52 24.81 22.27
C LEU A 676 -25.94 26.16 22.64
N SER A 677 -25.50 26.29 23.89
CA SER A 677 -24.83 27.51 24.32
C SER A 677 -23.52 27.68 23.56
N ASP A 678 -23.25 28.91 23.14
CA ASP A 678 -22.04 29.17 22.38
C ASP A 678 -20.82 28.77 23.21
N GLY A 679 -19.85 28.15 22.55
CA GLY A 679 -18.66 27.66 23.21
C GLY A 679 -18.74 26.22 23.67
N ARG A 680 -19.93 25.63 23.71
CA ARG A 680 -20.05 24.22 24.05
C ARG A 680 -19.80 23.38 22.81
N PRO A 681 -18.96 22.34 22.88
CA PRO A 681 -18.65 21.57 21.67
C PRO A 681 -19.73 20.56 21.32
N ALA A 682 -19.94 20.39 20.02
CA ALA A 682 -20.90 19.44 19.50
C ALA A 682 -20.50 19.09 18.08
N VAL A 683 -20.77 17.85 17.68
CA VAL A 683 -20.35 17.34 16.37
C VAL A 683 -21.55 16.73 15.69
N LEU A 684 -21.85 17.19 14.48
CA LEU A 684 -22.85 16.57 13.62
C LEU A 684 -22.12 15.78 12.55
N THR A 685 -22.40 14.48 12.46
CA THR A 685 -21.81 13.62 11.44
C THR A 685 -22.92 13.04 10.59
N VAL A 686 -22.76 13.16 9.27
CA VAL A 686 -23.65 12.53 8.29
C VAL A 686 -22.84 11.45 7.58
N ARG A 687 -23.33 10.25 7.63
CA ARG A 687 -22.66 9.09 6.99
CA ARG A 687 -22.66 9.08 6.99
C ARG A 687 -23.50 8.25 5.96
N ALA A 688 -22.81 7.86 4.91
CA ALA A 688 -23.40 6.97 3.93
C ALA A 688 -22.88 5.56 4.20
N VAL A 689 -23.79 4.64 4.55
CA VAL A 689 -23.43 3.27 4.86
C VAL A 689 -24.17 2.35 3.90
N LEU A 690 -23.66 1.12 3.75
CA LEU A 690 -24.38 0.16 2.92
C LEU A 690 -25.74 -0.13 3.55
N GLY A 691 -26.79 -0.04 2.74
CA GLY A 691 -28.10 -0.39 3.25
C GLY A 691 -28.35 -1.88 3.35
N ALA A 692 -27.59 -2.68 2.63
CA ALA A 692 -27.73 -4.13 2.63
C ALA A 692 -26.36 -4.74 2.48
N ASP A 693 -26.25 -6.02 2.85
CA ASP A 693 -25.00 -6.73 2.66
C ASP A 693 -24.62 -6.71 1.18
N SER A 694 -23.32 -6.57 0.93
CA SER A 694 -22.74 -6.78 -0.38
C SER A 694 -21.84 -8.01 -0.31
N ALA A 695 -21.21 -8.33 -1.44
CA ALA A 695 -20.26 -9.44 -1.47
C ALA A 695 -19.02 -9.13 -0.65
N TRP A 696 -18.74 -7.86 -0.38
CA TRP A 696 -17.47 -7.47 0.23
C TRP A 696 -17.60 -6.79 1.59
N ALA A 697 -18.82 -6.54 2.08
CA ALA A 697 -19.02 -5.98 3.40
C ALA A 697 -20.46 -6.15 3.81
N ASP A 698 -20.72 -6.00 5.12
CA ASP A 698 -22.07 -6.15 5.65
C ASP A 698 -22.82 -4.82 5.64
N ALA A 699 -24.15 -4.92 5.66
CA ALA A 699 -24.98 -3.74 5.86
C ALA A 699 -24.47 -2.92 7.03
N GLY A 700 -24.51 -1.59 6.88
CA GLY A 700 -23.98 -0.68 7.87
C GLY A 700 -22.52 -0.31 7.69
N HIS A 701 -21.83 -0.96 6.75
CA HIS A 701 -20.45 -0.59 6.45
C HIS A 701 -20.41 0.84 5.93
N GLU A 702 -19.51 1.65 6.51
CA GLU A 702 -19.43 3.06 6.17
C GLU A 702 -18.60 3.25 4.91
N VAL A 703 -19.16 3.99 3.95
CA VAL A 703 -18.48 4.31 2.69
C VAL A 703 -17.97 5.75 2.66
N ALA A 704 -18.78 6.71 3.15
CA ALA A 704 -18.42 8.12 3.10
C ALA A 704 -19.04 8.83 4.29
N TRP A 705 -18.50 10.00 4.63
CA TRP A 705 -18.99 10.77 5.76
C TRP A 705 -18.60 12.23 5.60
N GLY A 706 -19.36 13.10 6.28
CA GLY A 706 -19.00 14.50 6.42
C GLY A 706 -19.46 15.01 7.77
N GLN A 707 -18.87 16.12 8.20
CA GLN A 707 -19.17 16.64 9.53
C GLN A 707 -19.28 18.16 9.54
N SER A 708 -19.98 18.65 10.56
CA SER A 708 -19.91 20.05 10.91
C SER A 708 -19.70 20.12 12.41
N VAL A 709 -18.73 20.92 12.84
CA VAL A 709 -18.27 20.96 14.22
C VAL A 709 -18.52 22.33 14.82
N ARG A 710 -19.17 22.37 15.97
CA ARG A 710 -19.22 23.57 16.79
C ARG A 710 -18.06 23.44 17.78
N GLU A 711 -17.03 24.27 17.58
CA GLU A 711 -15.78 24.14 18.30
C GLU A 711 -15.93 24.71 19.71
N PRO A 712 -15.21 24.15 20.67
CA PRO A 712 -15.21 24.75 22.01
C PRO A 712 -14.47 26.07 22.02
N GLY A 713 -14.85 26.92 22.95
CA GLY A 713 -14.16 28.19 23.12
C GLY A 713 -12.71 27.98 23.52
N ALA A 714 -11.90 29.01 23.25
CA ALA A 714 -10.51 29.00 23.64
C ALA A 714 -10.42 28.87 25.16
N PRO A 715 -9.30 28.37 25.66
CA PRO A 715 -9.16 28.18 27.10
C PRO A 715 -9.12 29.51 27.84
N VAL A 716 -9.70 29.53 29.03
CA VAL A 716 -9.74 30.71 29.88
C VAL A 716 -8.67 30.57 30.94
N PRO A 717 -7.55 31.29 30.84
CA PRO A 717 -6.51 31.12 31.86
C PRO A 717 -7.00 31.64 33.19
N PRO A 718 -6.52 31.07 34.31
CA PRO A 718 -7.09 31.42 35.60
C PRO A 718 -6.68 32.82 36.03
N ALA A 719 -7.50 33.39 36.91
CA ALA A 719 -7.10 34.60 37.58
C ALA A 719 -5.87 34.29 38.43
N PRO A 720 -4.80 35.08 38.34
CA PRO A 720 -3.55 34.73 39.06
C PRO A 720 -3.57 35.23 40.49
N VAL A 721 -4.40 34.57 41.31
CA VAL A 721 -4.68 35.05 42.66
C VAL A 721 -3.89 34.31 43.73
N GLU A 722 -3.20 33.23 43.39
CA GLU A 722 -2.31 32.58 44.34
C GLU A 722 -0.91 33.20 44.25
N PRO A 723 -0.24 33.41 45.38
CA PRO A 723 1.13 33.92 45.37
C PRO A 723 2.14 32.78 45.25
N VAL A 724 3.37 33.17 44.93
CA VAL A 724 4.50 32.25 44.92
C VAL A 724 5.03 32.12 46.34
N GLN A 725 5.16 30.89 46.81
CA GLN A 725 5.75 30.60 48.12
C GLN A 725 7.17 30.12 47.90
N VAL A 726 8.13 30.75 48.59
CA VAL A 726 9.55 30.47 48.42
C VAL A 726 10.02 29.59 49.57
N GLN A 727 10.53 28.42 49.24
CA GLN A 727 11.28 27.56 50.15
C GLN A 727 12.75 27.58 49.73
N ASP A 728 13.58 26.87 50.51
CA ASP A 728 15.02 26.92 50.30
C ASP A 728 15.40 26.45 48.89
N SER A 729 14.83 25.33 48.45
CA SER A 729 15.20 24.74 47.17
C SER A 729 14.04 24.61 46.20
N GLU A 730 12.83 24.99 46.60
CA GLU A 730 11.65 24.85 45.76
C GLU A 730 10.79 26.10 45.89
N LEU A 731 9.92 26.27 44.91
CA LEU A 731 8.87 27.27 44.93
C LEU A 731 7.53 26.55 44.79
N THR A 732 6.50 27.08 45.46
CA THR A 732 5.14 26.56 45.28
C THR A 732 4.24 27.67 44.75
N LEU A 733 3.43 27.32 43.76
CA LEU A 733 2.44 28.23 43.18
C LEU A 733 1.16 27.41 43.06
N GLY A 734 0.27 27.57 44.03
CA GLY A 734 -0.91 26.74 44.08
C GLY A 734 -0.54 25.27 44.06
N PRO A 735 -1.06 24.52 43.09
CA PRO A 735 -0.78 23.08 43.02
C PRO A 735 0.52 22.70 42.33
N VAL A 736 1.33 23.66 41.89
CA VAL A 736 2.58 23.37 41.19
C VAL A 736 3.75 23.61 42.15
N VAL A 737 4.67 22.67 42.18
CA VAL A 737 5.94 22.83 42.87
C VAL A 737 7.02 22.91 41.80
N PHE A 738 8.00 23.79 42.01
CA PHE A 738 9.08 24.01 41.05
C PHE A 738 10.43 23.85 41.73
N SER A 739 11.42 23.42 40.97
CA SER A 739 12.79 23.40 41.44
C SER A 739 13.40 24.79 41.24
N ARG A 740 14.05 25.33 42.29
CA ARG A 740 14.81 26.56 42.13
C ARG A 740 16.14 26.34 41.41
N ALA A 741 16.55 25.08 41.24
CA ALA A 741 17.76 24.79 40.49
C ALA A 741 17.53 24.68 39.00
N THR A 742 16.33 24.27 38.57
CA THR A 742 16.07 24.10 37.14
C THR A 742 14.97 24.98 36.60
N GLY A 743 14.12 25.52 37.46
CA GLY A 743 12.96 26.27 37.02
C GLY A 743 11.83 25.41 36.50
N MET A 744 12.01 24.08 36.44
CA MET A 744 10.95 23.23 35.93
C MET A 744 10.04 22.79 37.06
N PRO A 745 8.77 22.52 36.76
CA PRO A 745 7.90 21.92 37.77
C PRO A 745 8.43 20.54 38.15
N THR A 746 8.32 20.21 39.44
CA THR A 746 8.60 18.86 39.93
C THR A 746 7.34 18.11 40.31
N SER A 747 6.21 18.79 40.45
CA SER A 747 4.93 18.13 40.62
C SER A 747 3.84 19.10 40.23
N ILE A 748 2.74 18.56 39.70
CA ILE A 748 1.56 19.34 39.38
C ILE A 748 0.39 18.59 40.00
N GLY A 749 -0.22 19.17 41.04
CA GLY A 749 -1.32 18.48 41.69
C GLY A 749 -0.95 17.11 42.22
N GLY A 750 0.31 16.92 42.61
CA GLY A 750 0.75 15.65 43.12
C GLY A 750 1.23 14.68 42.05
N VAL A 751 1.03 14.98 40.78
CA VAL A 751 1.59 14.19 39.68
C VAL A 751 3.07 14.53 39.59
N PRO A 752 3.98 13.57 39.71
CA PRO A 752 5.40 13.92 39.66
C PRO A 752 5.85 14.27 38.24
N VAL A 753 6.63 15.34 38.13
CA VAL A 753 7.18 15.79 36.86
C VAL A 753 8.69 15.67 36.94
N GLU A 754 9.24 14.81 36.08
CA GLU A 754 10.68 14.63 36.01
C GLU A 754 11.34 15.68 35.14
N LYS A 755 10.65 16.19 34.12
CA LYS A 755 11.25 17.14 33.20
C LYS A 755 10.14 17.86 32.44
N LEU A 756 10.37 19.14 32.15
CA LEU A 756 9.56 19.88 31.19
C LEU A 756 10.50 20.69 30.30
N GLY A 757 10.29 20.65 29.00
CA GLY A 757 11.17 21.40 28.12
C GLY A 757 10.56 21.54 26.75
N LEU A 758 11.20 22.41 25.95
CA LEU A 758 10.75 22.63 24.58
C LEU A 758 11.22 21.48 23.69
N THR A 759 10.43 21.17 22.68
CA THR A 759 10.80 20.24 21.64
C THR A 759 10.76 20.92 20.30
N LEU A 760 11.73 20.58 19.46
CA LEU A 760 11.79 21.01 18.05
C LEU A 760 11.99 19.86 17.09
N TRP A 761 12.14 18.64 17.59
CA TRP A 761 12.58 17.50 16.80
C TRP A 761 11.70 16.30 17.09
N TRP A 762 11.67 15.37 16.15
CA TRP A 762 11.01 14.10 16.34
C TRP A 762 11.91 12.99 15.78
N ALA A 763 11.64 11.75 16.19
CA ALA A 763 12.43 10.62 15.72
C ALA A 763 12.13 10.41 14.23
N PRO A 764 13.12 10.53 13.35
CA PRO A 764 12.83 10.58 11.90
C PRO A 764 11.95 9.45 11.40
N THR A 765 10.97 9.81 10.58
CA THR A 765 10.17 8.85 9.85
C THR A 765 10.98 8.29 8.68
N ASP A 766 10.43 7.24 8.03
CA ASP A 766 11.06 6.74 6.83
C ASP A 766 11.20 7.84 5.77
N ASN A 767 10.21 8.73 5.68
CA ASN A 767 10.30 9.82 4.71
C ASN A 767 11.43 10.80 5.06
N ASP A 768 11.62 11.07 6.35
CA ASP A 768 12.70 11.97 6.78
C ASP A 768 14.08 11.40 6.49
N LEU A 769 14.19 10.08 6.31
CA LEU A 769 15.44 9.45 5.90
C LEU A 769 15.63 9.46 4.38
N GLY A 770 14.68 9.97 3.61
CA GLY A 770 14.83 10.10 2.17
C GLY A 770 15.36 11.46 1.74
N ARG A 771 16.09 11.46 0.63
CA ARG A 771 16.60 12.72 0.09
C ARG A 771 15.49 13.48 -0.62
N GLU A 772 15.49 14.80 -0.46
CA GLU A 772 14.56 15.66 -1.18
C GLU A 772 15.34 16.27 -2.32
N TRP A 773 15.27 15.63 -3.49
CA TRP A 773 16.01 16.08 -4.65
C TRP A 773 15.51 17.46 -5.08
N GLY A 774 16.39 18.19 -5.77
CA GLY A 774 16.10 19.57 -6.11
C GLY A 774 16.68 20.50 -5.07
N GLY A 775 17.16 21.66 -5.51
CA GLY A 775 17.84 22.57 -4.61
C GLY A 775 19.24 22.07 -4.28
N ALA A 776 20.01 22.96 -3.64
CA ALA A 776 21.40 22.64 -3.35
C ALA A 776 21.56 21.67 -2.18
N ASP A 777 20.55 21.53 -1.32
CA ASP A 777 20.63 20.65 -0.16
C ASP A 777 19.87 19.37 -0.46
N GLU A 778 20.59 18.27 -0.61
CA GLU A 778 19.95 16.97 -0.82
C GLU A 778 20.20 16.02 0.34
N ARG A 779 20.68 16.51 1.48
CA ARG A 779 20.68 15.68 2.67
C ARG A 779 19.24 15.33 3.02
N PRO A 780 18.96 14.10 3.47
CA PRO A 780 17.67 13.82 4.09
C PRO A 780 17.44 14.75 5.26
N LEU A 781 16.18 15.03 5.52
CA LEU A 781 15.84 15.87 6.67
C LEU A 781 16.45 15.32 7.96
N ALA A 782 16.47 13.99 8.13
CA ALA A 782 17.05 13.41 9.35
C ALA A 782 18.52 13.80 9.51
N THR A 783 19.25 13.84 8.40
CA THR A 783 20.65 14.22 8.42
C THR A 783 20.81 15.72 8.65
N GLN A 784 19.97 16.53 8.01
CA GLN A 784 19.97 17.96 8.33
C GLN A 784 19.80 18.19 9.83
N TRP A 785 18.86 17.47 10.47
CA TRP A 785 18.62 17.63 11.90
C TRP A 785 19.82 17.17 12.71
N LYS A 786 20.40 16.02 12.36
CA LYS A 786 21.57 15.51 13.06
CA LYS A 786 21.56 15.53 13.10
C LYS A 786 22.73 16.50 12.99
N ASP A 787 23.02 16.99 11.80
CA ASP A 787 24.12 17.94 11.61
C ASP A 787 23.86 19.22 12.41
N ALA A 788 22.60 19.66 12.49
CA ALA A 788 22.23 20.88 13.22
C ALA A 788 22.14 20.69 14.73
N GLY A 789 22.24 19.45 15.21
CA GLY A 789 22.11 19.17 16.63
C GLY A 789 20.69 19.19 17.15
N LEU A 790 19.69 19.14 16.25
CA LEU A 790 18.32 19.22 16.69
C LEU A 790 17.94 17.99 17.50
N ASN A 791 18.63 16.88 17.30
CA ASN A 791 18.37 15.68 18.08
C ASN A 791 19.06 15.67 19.43
N ARG A 792 19.75 16.76 19.79
CA ARG A 792 20.53 16.82 21.04
C ARG A 792 20.44 18.21 21.67
N LEU A 793 19.23 18.75 21.82
CA LEU A 793 19.07 20.07 22.37
C LEU A 793 19.33 20.07 23.87
N HIS A 794 19.88 21.18 24.37
CA HIS A 794 20.06 21.42 25.79
C HIS A 794 19.49 22.77 26.17
N THR A 795 19.15 22.92 27.45
CA THR A 795 18.52 24.13 27.95
C THR A 795 19.37 24.76 29.03
N ARG A 796 19.60 26.06 28.90
CA ARG A 796 20.24 26.84 29.95
C ARG A 796 19.17 27.67 30.66
N LEU A 797 19.26 27.76 31.99
CA LEU A 797 18.35 28.59 32.79
C LEU A 797 18.93 30.00 32.88
N LEU A 798 18.14 30.98 32.44
CA LEU A 798 18.54 32.38 32.52
C LEU A 798 18.09 33.03 33.83
N GLY A 799 16.87 32.78 34.25
CA GLY A 799 16.41 33.33 35.53
C GLY A 799 15.00 32.87 35.85
N ILE A 800 14.63 33.07 37.13
CA ILE A 800 13.27 32.81 37.61
C ILE A 800 12.84 34.04 38.39
N SER A 801 11.65 34.56 38.08
CA SER A 801 11.20 35.75 38.81
C SER A 801 9.70 35.69 38.98
N ALA A 802 9.22 36.26 40.09
CA ALA A 802 7.79 36.38 40.32
C ALA A 802 7.34 37.79 39.97
N ASN A 803 6.16 37.89 39.38
CA ASN A 803 5.55 39.14 38.94
C ASN A 803 4.22 39.33 39.66
N PRO A 804 3.78 40.58 39.83
CA PRO A 804 2.52 40.81 40.54
C PRO A 804 1.34 40.29 39.73
N GLY A 805 0.46 39.55 40.40
CA GLY A 805 -0.73 39.03 39.76
C GLY A 805 -1.96 39.83 40.15
N GLN A 806 -2.94 39.16 40.74
CA GLN A 806 -4.23 39.77 41.09
C GLN A 806 -4.53 39.48 42.56
N ASP A 807 -4.95 40.53 43.28
CA ASP A 807 -5.43 40.38 44.65
C ASP A 807 -4.44 39.62 45.53
N GLY A 808 -3.17 40.04 45.46
CA GLY A 808 -2.10 39.41 46.22
C GLY A 808 -1.43 38.24 45.53
N GLY A 809 -2.00 37.70 44.48
CA GLY A 809 -1.39 36.61 43.75
C GLY A 809 -0.22 37.08 42.93
N GLU A 810 0.50 36.11 42.32
CA GLU A 810 1.68 36.40 41.54
C GLU A 810 1.76 35.41 40.40
N THR A 811 2.43 35.81 39.34
CA THR A 811 2.82 34.88 38.30
C THR A 811 4.31 34.57 38.46
N LEU A 812 4.72 33.46 37.85
CA LEU A 812 6.11 33.03 37.90
C LEU A 812 6.61 32.92 36.47
N THR A 813 7.68 33.62 36.14
CA THR A 813 8.27 33.52 34.81
C THR A 813 9.62 32.82 34.91
N VAL A 814 9.78 31.75 34.15
CA VAL A 814 11.02 31.01 34.06
C VAL A 814 11.57 31.29 32.67
N ARG A 815 12.76 31.89 32.61
CA ARG A 815 13.40 32.25 31.35
C ARG A 815 14.50 31.26 31.06
N THR A 816 14.47 30.67 29.85
CA THR A 816 15.44 29.67 29.44
C THR A 816 15.92 29.98 28.03
N ARG A 817 16.97 29.27 27.63
CA ARG A 817 17.44 29.30 26.24
C ARG A 817 17.78 27.90 25.80
N VAL A 818 17.33 27.52 24.62
CA VAL A 818 17.50 26.17 24.08
C VAL A 818 18.43 26.25 22.88
N SER A 819 19.42 25.38 22.85
CA SER A 819 20.40 25.35 21.77
C SER A 819 20.99 23.93 21.75
N ALA A 820 22.11 23.76 21.07
CA ALA A 820 22.79 22.47 20.97
C ALA A 820 24.28 22.73 21.06
N ALA A 821 25.01 21.72 21.54
CA ALA A 821 26.45 21.84 21.64
C ALA A 821 27.03 22.23 20.30
N ASP A 822 27.97 23.18 20.34
CA ASP A 822 28.77 23.65 19.23
C ASP A 822 27.99 24.53 18.25
N LYS A 823 26.79 24.96 18.60
CA LYS A 823 25.99 25.84 17.75
C LYS A 823 25.77 27.19 18.42
N GLN A 824 25.68 28.24 17.60
CA GLN A 824 25.44 29.59 18.09
C GLN A 824 23.97 30.01 18.06
N TYR A 825 23.15 29.35 17.26
CA TYR A 825 21.73 29.66 17.23
C TYR A 825 21.01 29.06 18.42
N GLY A 826 19.97 29.76 18.86
CA GLY A 826 19.14 29.24 19.94
C GLY A 826 17.73 29.79 19.86
N VAL A 827 16.89 29.34 20.78
CA VAL A 827 15.58 29.96 21.00
C VAL A 827 15.48 30.33 22.47
N LEU A 828 15.11 31.57 22.73
CA LEU A 828 14.74 31.99 24.08
C LEU A 828 13.33 31.51 24.35
N VAL A 829 13.13 30.83 25.47
CA VAL A 829 11.84 30.28 25.81
C VAL A 829 11.48 30.75 27.20
N ASP A 830 10.38 31.50 27.30
CA ASP A 830 9.89 32.00 28.57
C ASP A 830 8.59 31.27 28.91
N TYR A 831 8.53 30.72 30.12
CA TYR A 831 7.33 30.06 30.64
C TYR A 831 6.74 30.95 31.72
N THR A 832 5.47 31.33 31.55
CA THR A 832 4.79 32.12 32.57
C THR A 832 3.64 31.31 33.17
N TRP A 833 3.70 31.10 34.47
CA TRP A 833 2.77 30.25 35.21
C TRP A 833 1.84 31.11 36.06
N SER A 834 0.58 30.72 36.12
CA SER A 834 -0.41 31.39 36.94
C SER A 834 -1.39 30.34 37.48
N THR A 835 -2.03 30.66 38.59
CA THR A 835 -3.00 29.70 39.11
C THR A 835 -3.96 30.42 40.06
N ASP A 836 -5.19 29.91 40.07
CA ASP A 836 -6.16 30.29 41.08
C ASP A 836 -6.27 29.23 42.17
N GLY A 837 -5.36 28.28 42.20
CA GLY A 837 -5.37 27.20 43.17
C GLY A 837 -5.94 25.91 42.64
N GLU A 838 -6.73 25.96 41.57
CA GLU A 838 -7.28 24.75 40.95
C GLU A 838 -6.81 24.57 39.52
N THR A 839 -7.00 25.57 38.66
CA THR A 839 -6.51 25.52 37.29
C THR A 839 -5.17 26.24 37.23
N VAL A 840 -4.27 25.74 36.38
CA VAL A 840 -2.96 26.32 36.15
C VAL A 840 -2.94 26.86 34.71
N GLY A 841 -2.48 28.09 34.54
CA GLY A 841 -2.20 28.65 33.24
C GLY A 841 -0.71 28.59 32.93
N LEU A 842 -0.40 28.21 31.69
CA LEU A 842 0.98 28.16 31.22
C LEU A 842 1.07 28.86 29.88
N ARG A 843 1.76 29.99 29.86
CA ARG A 843 2.06 30.69 28.62
C ARG A 843 3.50 30.42 28.24
N THR A 844 3.72 29.99 27.00
CA THR A 844 5.04 29.71 26.49
C THR A 844 5.32 30.66 25.34
N GLN A 845 6.45 31.35 25.41
CA GLN A 845 6.86 32.29 24.38
C GLN A 845 8.24 31.90 23.86
N VAL A 846 8.35 31.76 22.54
CA VAL A 846 9.55 31.27 21.87
C VAL A 846 10.07 32.36 20.94
N ARG A 847 11.34 32.73 21.09
CA ARG A 847 11.94 33.75 20.24
C ARG A 847 13.30 33.29 19.75
N ARG A 848 13.49 33.32 18.44
CA ARG A 848 14.77 32.94 17.88
C ARG A 848 15.84 33.95 18.29
N ASP A 849 17.01 33.41 18.65
CA ASP A 849 18.18 34.18 19.04
C ASP A 849 19.30 33.72 18.10
N GLY A 850 19.48 34.44 17.00
CA GLY A 850 20.41 34.04 15.98
C GLY A 850 19.74 33.22 14.88
N THR A 851 20.38 33.17 13.73
CA THR A 851 19.77 32.56 12.57
C THR A 851 19.98 31.06 12.60
N TRP A 852 18.91 30.31 12.37
CA TRP A 852 18.94 28.84 12.38
C TRP A 852 19.37 28.36 10.99
N VAL A 853 20.67 28.51 10.73
CA VAL A 853 21.31 28.08 9.49
C VAL A 853 22.53 27.28 9.89
N ASN A 854 22.71 26.12 9.25
CA ASN A 854 23.79 25.21 9.57
C ASN A 854 24.26 24.61 8.27
N ARG A 855 25.57 24.59 8.09
CA ARG A 855 26.16 24.12 6.83
C ARG A 855 25.61 24.89 5.65
N GLY A 856 25.28 26.16 5.85
CA GLY A 856 24.84 27.00 4.77
C GLY A 856 23.37 26.89 4.42
N PHE A 857 22.59 26.07 5.12
CA PHE A 857 21.19 25.88 4.78
C PHE A 857 20.33 26.07 6.02
N GLU A 858 19.14 26.61 5.80
CA GLU A 858 18.18 26.80 6.88
C GLU A 858 17.83 25.46 7.52
N VAL A 859 17.68 25.47 8.84
CA VAL A 859 17.31 24.30 9.62
C VAL A 859 15.80 24.32 9.82
N GLU A 860 15.08 23.38 9.19
CA GLU A 860 13.66 23.29 9.48
C GLU A 860 13.43 22.55 10.81
N TRP A 861 12.27 22.79 11.41
CA TRP A 861 11.90 22.17 12.65
C TRP A 861 10.85 21.09 12.40
N ALA A 862 10.80 20.09 13.29
CA ALA A 862 9.72 19.11 13.27
C ALA A 862 8.47 19.64 13.94
N ARG A 863 8.67 20.46 14.95
CA ARG A 863 7.55 20.95 15.75
C ARG A 863 7.97 22.15 16.59
N ILE A 864 6.99 22.81 17.17
CA ILE A 864 7.22 23.72 18.30
C ILE A 864 6.30 23.21 19.39
N GLY A 865 6.87 22.57 20.40
CA GLY A 865 6.02 21.97 21.39
C GLY A 865 6.70 21.81 22.73
N LEU A 866 5.98 21.19 23.65
CA LEU A 866 6.49 20.89 24.98
C LEU A 866 6.53 19.39 25.21
N GLU A 867 7.57 18.92 25.89
CA GLU A 867 7.65 17.56 26.37
C GLU A 867 7.58 17.59 27.87
N PHE A 868 6.55 16.92 28.42
CA PHE A 868 6.43 16.68 29.86
C PHE A 868 6.85 15.23 30.10
N VAL A 869 7.82 15.01 30.95
CA VAL A 869 8.18 13.66 31.37
C VAL A 869 7.60 13.49 32.76
N LEU A 870 6.60 12.63 32.90
CA LEU A 870 5.93 12.44 34.19
C LEU A 870 6.44 11.17 34.85
N GLY A 871 6.56 11.21 36.18
CA GLY A 871 7.15 10.09 36.88
C GLY A 871 6.19 8.97 37.21
N GLU A 872 5.13 8.82 36.42
CA GLU A 872 4.16 7.77 36.65
C GLU A 872 3.69 7.27 35.29
N GLU A 873 3.11 6.07 35.28
CA GLU A 873 2.60 5.49 34.04
C GLU A 873 1.18 5.94 33.78
N THR A 874 0.85 6.08 32.50
CA THR A 874 -0.47 6.47 32.06
C THR A 874 -1.25 5.22 31.64
N GLU A 875 -2.47 5.08 32.14
CA GLU A 875 -3.29 3.94 31.78
C GLU A 875 -4.20 4.22 30.58
N LEU A 876 -4.75 5.42 30.51
CA LEU A 876 -5.76 5.75 29.51
C LEU A 876 -5.53 7.19 29.07
N VAL A 877 -5.76 7.45 27.78
CA VAL A 877 -5.65 8.78 27.20
C VAL A 877 -6.98 9.10 26.53
N SER A 878 -7.57 10.23 26.88
CA SER A 878 -8.82 10.69 26.28
C SER A 878 -8.59 12.08 25.72
N TRP A 879 -9.32 12.41 24.64
CA TRP A 879 -9.16 13.73 24.05
C TRP A 879 -10.39 14.09 23.24
N PHE A 880 -10.59 15.40 23.10
CA PHE A 880 -11.48 15.95 22.10
C PHE A 880 -10.65 16.54 20.99
N GLY A 881 -10.91 16.09 19.77
CA GLY A 881 -10.13 16.51 18.63
C GLY A 881 -10.52 15.70 17.43
N GLN A 882 -9.56 15.06 16.79
CA GLN A 882 -9.87 14.14 15.71
C GLN A 882 -9.21 12.80 15.97
N GLY A 883 -9.80 11.75 15.40
CA GLY A 883 -9.38 10.42 15.73
C GLY A 883 -10.25 9.36 15.10
N PRO A 884 -10.10 8.12 15.55
CA PRO A 884 -9.25 7.70 16.68
C PRO A 884 -7.77 7.62 16.37
N HIS A 885 -7.42 7.47 15.09
CA HIS A 885 -6.04 7.23 14.72
C HIS A 885 -5.26 8.55 14.58
N GLN A 886 -3.97 8.42 14.33
CA GLN A 886 -3.06 9.56 14.32
C GLN A 886 -3.37 10.52 13.17
N SER A 887 -2.90 11.74 13.33
CA SER A 887 -3.04 12.75 12.26
C SER A 887 -1.89 13.75 12.37
N TYR A 888 -1.28 14.05 11.21
CA TYR A 888 -0.27 15.07 11.02
C TYR A 888 -0.83 16.10 10.04
N PRO A 889 -0.18 17.24 9.87
CA PRO A 889 -0.78 18.31 9.05
C PRO A 889 -1.21 17.89 7.66
N ASP A 890 -0.45 17.01 6.99
CA ASP A 890 -0.76 16.59 5.63
C ASP A 890 -1.33 15.18 5.54
N THR A 891 -1.81 14.65 6.66
CA THR A 891 -2.50 13.35 6.73
C THR A 891 -3.72 13.53 7.62
N GLY A 892 -4.22 12.42 8.15
CA GLY A 892 -5.34 12.48 9.07
C GLY A 892 -6.69 12.75 8.44
N GLN A 893 -6.82 12.62 7.12
CA GLN A 893 -8.12 12.83 6.50
C GLN A 893 -9.16 11.89 7.09
N GLY A 894 -8.75 10.69 7.44
CA GLY A 894 -9.66 9.70 7.99
C GLY A 894 -9.99 9.90 9.46
N ALA A 895 -9.28 10.79 10.13
CA ALA A 895 -9.52 11.07 11.53
C ALA A 895 -10.64 12.10 11.60
N ARG A 896 -11.76 11.73 12.20
CA ARG A 896 -12.92 12.60 12.26
C ARG A 896 -13.01 13.27 13.62
N ALA A 897 -13.75 14.38 13.66
CA ALA A 897 -13.93 15.10 14.90
C ALA A 897 -14.75 14.29 15.89
N GLY A 898 -14.36 14.33 17.15
CA GLY A 898 -15.13 13.63 18.16
C GLY A 898 -14.37 13.56 19.47
N TRP A 899 -14.94 12.77 20.38
CA TRP A 899 -14.32 12.45 21.66
C TRP A 899 -13.81 11.03 21.59
N PHE A 900 -12.56 10.83 22.02
CA PHE A 900 -11.93 9.53 21.92
C PHE A 900 -11.26 9.16 23.24
N SER A 901 -11.12 7.86 23.46
CA SER A 901 -10.45 7.38 24.66
C SER A 901 -9.77 6.07 24.31
N LEU A 902 -8.47 5.95 24.60
CA LEU A 902 -7.73 4.75 24.25
C LEU A 902 -6.78 4.35 25.38
N PRO A 903 -6.62 3.04 25.63
CA PRO A 903 -5.51 2.60 26.47
C PRO A 903 -4.19 3.05 25.86
N LEU A 904 -3.21 3.28 26.73
CA LEU A 904 -1.95 3.87 26.26
C LEU A 904 -1.35 3.07 25.11
N ALA A 905 -1.37 1.74 25.21
CA ALA A 905 -0.76 0.91 24.18
C ALA A 905 -1.38 1.15 22.80
N LYS A 906 -2.67 1.45 22.75
CA LYS A 906 -3.32 1.61 21.47
C LYS A 906 -3.08 2.98 20.84
N MET A 907 -2.42 3.90 21.57
CA MET A 907 -2.04 5.18 20.98
C MET A 907 -0.87 5.03 20.01
N ASP A 908 -0.08 3.98 20.14
CA ASP A 908 1.10 3.80 19.30
C ASP A 908 0.70 3.24 17.94
N VAL A 909 1.66 3.21 17.02
CA VAL A 909 1.46 2.63 15.69
C VAL A 909 2.61 1.66 15.45
N GLU A 910 2.28 0.42 15.09
CA GLU A 910 3.26 -0.65 15.09
C GLU A 910 4.06 -0.74 13.80
N TYR A 911 4.62 0.39 13.34
CA TYR A 911 5.51 0.37 12.19
C TYR A 911 6.69 -0.56 12.46
N VAL A 912 7.17 -1.22 11.41
CA VAL A 912 8.17 -2.27 11.62
C VAL A 912 9.49 -1.68 12.13
N ARG A 913 9.92 -0.57 11.51
CA ARG A 913 11.02 0.22 12.05
C ARG A 913 10.39 1.34 12.89
N PRO A 914 10.52 1.34 14.21
CA PRO A 914 9.86 2.39 14.99
C PRO A 914 10.34 3.78 14.61
N GLN A 915 9.41 4.73 14.63
CA GLN A 915 9.67 6.08 14.15
C GLN A 915 8.57 6.98 14.71
N GLU A 916 8.75 8.30 14.56
CA GLU A 916 7.69 9.22 14.97
C GLU A 916 6.35 8.77 14.41
N CYS A 917 5.35 8.72 15.29
CA CYS A 917 3.99 8.32 14.96
C CYS A 917 3.13 8.55 16.20
N GLY A 918 1.82 8.53 15.99
CA GLY A 918 0.87 8.57 17.08
C GLY A 918 0.42 9.95 17.52
N ALA A 919 0.90 11.01 16.90
CA ALA A 919 0.37 12.33 17.24
C ALA A 919 -1.08 12.43 16.82
N ARG A 920 -1.88 13.10 17.65
CA ARG A 920 -3.27 13.43 17.35
C ARG A 920 -3.36 14.95 17.19
N SER A 921 -3.31 15.41 15.94
CA SER A 921 -3.33 16.84 15.65
C SER A 921 -4.76 17.36 15.81
N GLY A 922 -4.88 18.67 16.00
CA GLY A 922 -6.19 19.26 16.11
C GLY A 922 -6.90 19.00 17.41
N SER A 923 -6.17 18.69 18.48
CA SER A 923 -6.77 18.46 19.77
C SER A 923 -7.10 19.80 20.45
N ARG A 924 -8.17 19.78 21.23
CA ARG A 924 -8.55 20.94 22.05
C ARG A 924 -8.52 20.65 23.53
N SER A 925 -8.66 19.39 23.93
CA SER A 925 -8.55 19.01 25.33
C SER A 925 -8.09 17.58 25.40
N ALA A 926 -7.35 17.25 26.46
CA ALA A 926 -6.83 15.92 26.67
C ALA A 926 -6.87 15.61 28.16
N ALA A 927 -6.99 14.31 28.47
CA ALA A 927 -6.97 13.83 29.85
C ALA A 927 -6.17 12.54 29.90
N LEU A 928 -5.17 12.51 30.76
CA LEU A 928 -4.32 11.35 30.98
C LEU A 928 -4.66 10.79 32.36
N GLN A 929 -5.03 9.52 32.42
CA GLN A 929 -5.27 8.87 33.70
C GLN A 929 -3.97 8.24 34.17
N LEU A 930 -3.42 8.74 35.28
CA LEU A 930 -2.13 8.30 35.80
C LEU A 930 -2.41 7.75 37.20
N GLY A 931 -2.75 6.47 37.28
CA GLY A 931 -3.10 5.86 38.55
C GLY A 931 -4.43 6.37 39.05
N GLY A 932 -4.40 7.16 40.11
CA GLY A 932 -5.59 7.70 40.72
C GLY A 932 -5.85 9.15 40.42
N ARG A 933 -5.00 9.80 39.61
CA ARG A 933 -5.15 11.19 39.26
C ARG A 933 -5.39 11.30 37.76
N THR A 934 -6.11 12.34 37.35
CA THR A 934 -6.27 12.65 35.93
C THR A 934 -5.65 14.01 35.65
N LEU A 935 -4.71 14.05 34.71
CA LEU A 935 -4.14 15.32 34.27
C LEU A 935 -4.90 15.79 33.03
N GLU A 936 -5.49 16.98 33.13
CA GLU A 936 -6.27 17.54 32.04
C GLU A 936 -5.54 18.74 31.45
N ILE A 937 -5.55 18.84 30.12
CA ILE A 937 -4.85 19.88 29.38
C ILE A 937 -5.84 20.47 28.37
N CYS A 938 -5.88 21.80 28.29
CA CYS A 938 -6.71 22.47 27.28
C CYS A 938 -5.87 23.50 26.55
N GLY A 939 -6.18 23.68 25.27
CA GLY A 939 -5.46 24.65 24.47
C GLY A 939 -6.23 24.99 23.22
N ASP A 940 -5.74 26.03 22.54
CA ASP A 940 -6.09 26.24 21.14
C ASP A 940 -5.54 25.00 20.48
N PRO A 941 -5.86 24.72 19.21
CA PRO A 941 -5.48 23.44 18.63
C PRO A 941 -4.04 23.06 18.94
N PHE A 942 -3.86 21.85 19.48
CA PHE A 942 -2.53 21.32 19.73
C PHE A 942 -2.50 19.86 19.28
N ALA A 943 -1.31 19.37 18.97
CA ALA A 943 -1.14 17.94 18.75
C ALA A 943 -0.78 17.25 20.06
N LEU A 944 -1.36 16.08 20.27
CA LEU A 944 -1.19 15.30 21.48
C LEU A 944 -0.51 13.97 21.14
N THR A 945 0.58 13.66 21.85
CA THR A 945 1.23 12.36 21.76
C THR A 945 1.53 11.89 23.18
N VAL A 946 1.33 10.61 23.45
CA VAL A 946 1.65 10.04 24.76
C VAL A 946 2.35 8.72 24.54
N ARG A 947 3.54 8.56 25.14
CA ARG A 947 4.31 7.32 24.99
C ARG A 947 4.86 6.84 26.33
N PRO A 948 5.17 5.55 26.43
CA PRO A 948 5.85 5.02 27.63
C PRO A 948 7.37 4.91 27.50
N TYR A 949 7.97 5.52 26.49
CA TYR A 949 9.42 5.53 26.30
C TYR A 949 9.76 6.85 25.63
N SER A 950 11.05 7.22 25.68
CA SER A 950 11.51 8.53 25.22
C SER A 950 11.70 8.57 23.71
N GLN A 951 11.93 9.79 23.20
CA GLN A 951 12.17 9.95 21.76
C GLN A 951 13.48 9.32 21.34
N ASP A 952 14.49 9.32 22.23
CA ASP A 952 15.76 8.72 21.90
C ASP A 952 15.64 7.21 21.79
N VAL A 953 14.81 6.60 22.63
CA VAL A 953 14.53 5.18 22.51
C VAL A 953 13.82 4.88 21.20
N LEU A 954 12.82 5.69 20.85
CA LEU A 954 12.11 5.52 19.59
C LEU A 954 13.04 5.65 18.39
N ASP A 955 13.91 6.66 18.39
CA ASP A 955 14.81 6.87 17.27
C ASP A 955 15.80 5.72 17.15
N ALA A 956 16.39 5.31 18.27
CA ALA A 956 17.41 4.25 18.22
C ALA A 956 16.83 2.90 17.82
N ALA A 957 15.55 2.66 18.09
CA ALA A 957 14.98 1.34 17.84
C ALA A 957 14.90 1.06 16.36
N ALA A 958 15.38 -0.12 15.94
CA ALA A 958 15.26 -0.58 14.56
C ALA A 958 14.15 -1.58 14.35
N HIS A 959 13.72 -2.27 15.42
CA HIS A 959 12.59 -3.17 15.39
C HIS A 959 11.80 -2.97 16.67
N ARG A 960 10.56 -3.44 16.66
CA ARG A 960 9.67 -3.12 17.78
C ARG A 960 10.14 -3.66 19.12
N PRO A 961 10.80 -4.83 19.21
CA PRO A 961 11.26 -5.29 20.53
C PRO A 961 12.34 -4.43 21.14
N ASP A 962 12.96 -3.51 20.38
CA ASP A 962 13.92 -2.57 20.94
C ASP A 962 13.24 -1.52 21.80
N LEU A 963 11.93 -1.37 21.69
CA LEU A 963 11.20 -0.41 22.51
C LEU A 963 10.94 -1.03 23.88
N LYS A 964 11.12 -0.23 24.92
CA LYS A 964 10.91 -0.71 26.29
C LYS A 964 10.32 0.43 27.12
N ALA A 965 9.26 0.12 27.88
CA ALA A 965 8.71 1.11 28.81
C ALA A 965 9.62 1.28 30.01
N ASP A 966 9.78 2.52 30.46
CA ASP A 966 10.69 2.81 31.56
C ASP A 966 9.97 3.24 32.83
N GLY A 967 8.65 3.15 32.88
CA GLY A 967 7.88 3.54 34.04
C GLY A 967 7.45 4.99 34.09
N ARG A 968 7.80 5.77 33.08
CA ARG A 968 7.41 7.19 33.00
C ARG A 968 6.39 7.40 31.90
N THR A 969 5.83 8.59 31.82
CA THR A 969 4.96 9.01 30.73
C THR A 969 5.64 10.14 29.99
N TYR A 970 5.73 10.02 28.67
CA TYR A 970 6.26 11.08 27.82
C TYR A 970 5.08 11.71 27.10
N LEU A 971 4.75 12.93 27.49
CA LEU A 971 3.59 13.66 26.98
C LEU A 971 4.07 14.81 26.12
N TYR A 972 3.62 14.85 24.85
CA TYR A 972 4.00 15.89 23.90
C TYR A 972 2.76 16.73 23.58
N VAL A 973 2.88 18.03 23.79
CA VAL A 973 1.83 18.99 23.43
C VAL A 973 2.47 19.93 22.43
N ASP A 974 2.05 19.84 21.17
CA ASP A 974 2.65 20.63 20.10
C ASP A 974 1.74 21.76 19.67
N HIS A 975 2.28 22.97 19.67
CA HIS A 975 1.59 24.12 19.11
C HIS A 975 1.69 24.13 17.58
N ALA A 976 2.78 23.59 17.03
CA ALA A 976 2.96 23.48 15.59
C ALA A 976 3.65 22.15 15.30
N LEU A 977 3.30 21.57 14.15
CA LEU A 977 3.93 20.34 13.66
C LEU A 977 4.16 20.48 12.17
N ARG A 978 5.22 19.83 11.66
CA ARG A 978 5.38 19.73 10.23
C ARG A 978 4.61 18.52 9.69
N GLY A 979 4.40 18.52 8.39
CA GLY A 979 3.85 17.37 7.70
C GLY A 979 4.85 16.23 7.57
N VAL A 980 4.36 15.09 7.08
CA VAL A 980 5.22 13.92 6.91
C VAL A 980 5.59 13.64 5.44
N GLY A 981 4.81 14.12 4.45
CA GLY A 981 5.19 14.03 3.05
C GLY A 981 5.31 12.59 2.57
N THR A 982 6.10 12.43 1.50
CA THR A 982 6.44 11.12 0.92
C THR A 982 7.88 11.07 0.43
N ALA A 983 8.80 11.72 1.17
CA ALA A 983 10.16 11.91 0.64
C ALA A 983 10.95 10.61 0.51
N ALA A 984 10.51 9.51 1.12
CA ALA A 984 11.24 8.25 0.89
C ALA A 984 11.23 7.89 -0.59
N CYS A 985 10.18 8.27 -1.31
CA CYS A 985 10.15 8.08 -2.75
C CYS A 985 9.06 8.99 -3.31
N GLY A 986 9.49 10.10 -3.92
CA GLY A 986 8.56 11.07 -4.46
C GLY A 986 8.58 12.36 -3.69
N PRO A 987 7.50 13.14 -3.78
CA PRO A 987 7.49 14.47 -3.14
C PRO A 987 7.74 14.44 -1.64
N GLY A 988 8.54 15.39 -1.16
CA GLY A 988 8.61 15.67 0.26
C GLY A 988 7.40 16.47 0.72
N VAL A 989 7.53 17.08 1.91
CA VAL A 989 6.43 17.83 2.49
C VAL A 989 6.16 19.04 1.64
N LEU A 990 4.90 19.25 1.27
CA LEU A 990 4.56 20.39 0.45
C LEU A 990 4.71 21.66 1.26
N GLU A 991 4.94 22.77 0.55
CA GLU A 991 5.38 24.01 1.21
C GLU A 991 4.45 24.41 2.34
N GLN A 992 3.13 24.28 2.13
CA GLN A 992 2.15 24.72 3.12
C GLN A 992 2.24 23.94 4.43
N TYR A 993 2.90 22.80 4.45
CA TYR A 993 3.02 21.98 5.64
C TYR A 993 4.43 21.96 6.23
N ARG A 994 5.39 22.66 5.63
CA ARG A 994 6.73 22.71 6.18
C ARG A 994 6.72 23.63 7.39
N LEU A 995 7.66 23.41 8.29
CA LEU A 995 7.75 24.23 9.50
C LEU A 995 9.14 24.84 9.52
N LYS A 996 9.23 26.04 9.11
CA LYS A 996 10.45 26.83 9.16
C LYS A 996 10.57 27.51 10.54
N PRO A 997 11.78 27.76 11.02
CA PRO A 997 11.91 28.46 12.32
C PRO A 997 11.10 29.76 12.34
N ARG A 998 10.47 30.00 13.48
CA ARG A 998 9.72 31.25 13.65
C ARG A 998 9.62 31.51 15.15
N ASP A 999 9.22 32.72 15.47
CA ASP A 999 8.86 33.05 16.84
C ASP A 999 7.40 32.71 17.06
N ALA A 1000 7.05 32.32 18.28
CA ALA A 1000 5.70 31.86 18.54
C ALA A 1000 5.35 31.97 20.02
N ASP A 1001 4.06 32.03 20.30
CA ASP A 1001 3.58 32.04 21.68
C ASP A 1001 2.27 31.25 21.74
N PHE A 1002 2.05 30.56 22.85
CA PHE A 1002 0.81 29.82 22.98
C PHE A 1002 0.48 29.59 24.44
N ILE A 1003 -0.82 29.42 24.71
CA ILE A 1003 -1.34 29.26 26.06
C ILE A 1003 -1.94 27.85 26.20
N LEU A 1004 -1.67 27.23 27.35
CA LEU A 1004 -2.35 26.03 27.79
C LEU A 1004 -2.90 26.24 29.18
N THR A 1005 -3.96 25.50 29.51
CA THR A 1005 -4.38 25.36 30.89
C THR A 1005 -4.30 23.91 31.29
N LEU A 1006 -4.01 23.70 32.57
CA LEU A 1006 -3.83 22.38 33.15
C LEU A 1006 -4.63 22.27 34.43
N LYS A 1007 -5.16 21.08 34.69
CA LYS A 1007 -5.88 20.81 35.94
C LYS A 1007 -5.62 19.35 36.30
N VAL A 1008 -5.56 19.08 37.60
CA VAL A 1008 -5.40 17.71 38.08
C VAL A 1008 -6.61 17.35 38.92
N ARG A 1009 -7.27 16.26 38.57
CA ARG A 1009 -8.44 15.76 39.28
C ARG A 1009 -8.08 14.49 40.03
N SER A 1010 -8.46 14.41 41.29
CA SER A 1010 -8.24 13.21 42.08
C SER A 1010 -9.57 12.62 42.54
#